data_2I22
#
_entry.id   2I22
#
_cell.length_a   73.045
_cell.length_b   76.540
_cell.length_c   78.316
_cell.angle_alpha   90.00
_cell.angle_beta   106.13
_cell.angle_gamma   90.00
#
_symmetry.space_group_name_H-M   'P 1 21 1'
#
loop_
_entity.id
_entity.type
_entity.pdbx_description
1 polymer 'Phosphoheptose isomerase'
2 non-polymer 'D-ALTRO-HEPT-2-ULOSE 7-PHOSPHATE'
3 water water
#
_entity_poly.entity_id   1
_entity_poly.type   'polypeptide(L)'
_entity_poly.pdbx_seq_one_letter_code
;MGSSHHHHHHSSGLVPRGSHMYQDLIRNELNEAAETLANFLKDDANIHAIQRAAVLLADSFKAGGKVLSCGNGGSHCDAM
HFAEELTGRYRENRPGYPAIAISDVSHISCVGNDFGFNDIFSRYVEAVGREGDVLLGISTSGNSANVIKAIAAAREKGMK
VITLTGKDGGKMAGTADIEIRVPHFGYADRIQEIHIKVIHILIQLIEKEMVK
;
_entity_poly.pdbx_strand_id   A,B,C,D
#
loop_
_chem_comp.id
_chem_comp.type
_chem_comp.name
_chem_comp.formula
I22 non-polymer 'D-ALTRO-HEPT-2-ULOSE 7-PHOSPHATE' 'C7 H15 O10 P'
#
# COMPACT_ATOMS: atom_id res chain seq x y z
N MET A 21 11.46 31.90 -20.63
CA MET A 21 12.33 32.52 -19.62
C MET A 21 11.98 32.15 -18.18
N TYR A 22 12.48 30.97 -17.81
CA TYR A 22 12.84 30.49 -16.44
C TYR A 22 14.12 29.70 -16.72
N GLN A 23 14.64 29.95 -17.91
CA GLN A 23 15.74 29.22 -18.45
C GLN A 23 16.91 29.31 -17.49
N ASP A 24 16.92 30.29 -16.59
CA ASP A 24 18.12 30.55 -15.81
C ASP A 24 18.16 29.66 -14.61
N LEU A 25 17.01 29.74 -13.96
CA LEU A 25 16.63 28.91 -12.85
C LEU A 25 16.91 27.46 -13.17
N ILE A 26 16.34 26.95 -14.28
CA ILE A 26 16.62 25.56 -14.70
C ILE A 26 18.11 25.20 -14.79
N ARG A 27 18.77 25.88 -15.71
CA ARG A 27 20.17 25.65 -16.00
C ARG A 27 21.00 25.74 -14.72
N ASN A 28 20.55 26.71 -13.90
CA ASN A 28 21.03 26.86 -12.56
C ASN A 28 21.06 25.69 -11.66
N GLU A 29 19.85 25.25 -11.30
CA GLU A 29 19.64 23.94 -10.60
C GLU A 29 20.49 22.80 -11.11
N LEU A 30 20.39 22.57 -12.45
CA LEU A 30 21.13 21.44 -13.00
C LEU A 30 22.62 21.61 -12.75
N ASN A 31 23.07 22.90 -12.86
CA ASN A 31 24.43 23.31 -12.49
C ASN A 31 24.87 22.94 -11.09
N GLU A 32 24.05 23.38 -10.10
CA GLU A 32 24.16 22.90 -8.70
C GLU A 32 24.35 21.37 -8.57
N ALA A 33 23.51 20.69 -9.35
CA ALA A 33 23.60 19.27 -9.47
C ALA A 33 25.01 18.80 -9.86
N ALA A 34 25.45 19.22 -11.07
CA ALA A 34 26.85 18.88 -11.56
C ALA A 34 28.00 19.27 -10.60
N GLU A 35 27.81 20.44 -9.97
CA GLU A 35 28.65 20.79 -8.87
C GLU A 35 28.67 19.71 -7.83
N THR A 36 27.54 19.46 -7.18
CA THR A 36 27.50 18.56 -6.05
C THR A 36 28.08 17.19 -6.40
N LEU A 37 27.77 16.75 -7.61
CA LEU A 37 28.24 15.46 -8.10
C LEU A 37 29.75 15.45 -8.22
N ALA A 38 30.24 16.53 -8.86
CA ALA A 38 31.71 16.88 -8.94
C ALA A 38 32.43 16.96 -7.52
N ASN A 39 31.99 17.89 -6.66
CA ASN A 39 32.35 17.78 -5.28
C ASN A 39 32.25 16.39 -4.72
N PHE A 40 31.13 15.67 -4.93
CA PHE A 40 31.03 14.30 -4.31
C PHE A 40 32.16 13.32 -4.81
N LEU A 41 32.41 13.39 -6.12
CA LEU A 41 33.26 12.44 -6.83
C LEU A 41 34.82 12.62 -6.56
N LYS A 42 35.23 13.89 -6.33
CA LYS A 42 36.64 14.24 -6.09
C LYS A 42 37.06 13.63 -4.75
N ASP A 43 36.27 13.80 -3.68
CA ASP A 43 36.69 13.29 -2.38
C ASP A 43 36.87 11.71 -2.37
N ASP A 44 38.09 11.20 -2.23
CA ASP A 44 38.31 9.71 -2.28
C ASP A 44 37.56 8.96 -1.19
N ALA A 45 37.30 9.60 -0.04
CA ALA A 45 36.74 8.93 1.09
C ALA A 45 35.33 8.50 0.70
N ASN A 46 34.62 9.41 0.03
CA ASN A 46 33.38 9.08 -0.60
C ASN A 46 33.50 7.86 -1.44
N ILE A 47 34.24 7.92 -2.53
CA ILE A 47 34.38 6.75 -3.34
C ILE A 47 34.74 5.54 -2.48
N HIS A 48 35.42 5.64 -1.35
CA HIS A 48 35.70 4.33 -0.66
C HIS A 48 34.42 3.79 0.01
N ALA A 49 33.77 4.66 0.80
CA ALA A 49 32.58 4.31 1.55
C ALA A 49 31.72 3.34 0.68
N ILE A 50 31.35 3.90 -0.50
CA ILE A 50 30.56 3.23 -1.47
C ILE A 50 31.09 1.81 -1.56
N GLN A 51 32.41 1.66 -1.77
CA GLN A 51 32.94 0.27 -1.93
C GLN A 51 32.77 -0.63 -0.72
N ARG A 52 33.12 -0.13 0.46
CA ARG A 52 33.07 -0.99 1.65
C ARG A 52 31.61 -1.43 1.95
N ALA A 53 30.71 -0.46 1.99
CA ALA A 53 29.24 -0.66 1.96
C ALA A 53 28.68 -1.79 1.01
N ALA A 54 28.88 -1.60 -0.31
CA ALA A 54 28.67 -2.73 -1.28
C ALA A 54 29.26 -4.07 -0.81
N VAL A 55 30.45 -4.03 -0.25
CA VAL A 55 31.07 -5.22 0.26
C VAL A 55 30.36 -5.74 1.47
N LEU A 56 30.01 -4.89 2.41
CA LEU A 56 29.44 -5.32 3.70
C LEU A 56 28.01 -5.91 3.48
N LEU A 57 27.23 -5.33 2.53
CA LEU A 57 25.89 -5.77 2.37
C LEU A 57 26.02 -7.17 1.94
N ALA A 58 26.78 -7.29 0.86
CA ALA A 58 27.15 -8.54 0.21
C ALA A 58 27.62 -9.64 1.13
N ASP A 59 28.56 -9.32 1.97
CA ASP A 59 28.98 -10.37 2.85
C ASP A 59 27.81 -10.85 3.64
N SER A 60 26.94 -9.91 4.04
CA SER A 60 25.85 -10.13 4.96
C SER A 60 24.95 -11.12 4.36
N PHE A 61 24.56 -10.93 3.07
CA PHE A 61 23.68 -11.91 2.36
C PHE A 61 24.25 -13.33 2.32
N LYS A 62 25.48 -13.47 1.80
CA LYS A 62 26.23 -14.71 1.83
C LYS A 62 26.18 -15.35 3.19
N ALA A 63 26.26 -14.58 4.31
CA ALA A 63 26.14 -15.20 5.66
C ALA A 63 24.61 -15.43 6.05
N GLY A 64 23.79 -15.29 5.02
CA GLY A 64 22.35 -15.27 5.14
C GLY A 64 21.59 -14.23 5.97
N GLY A 65 22.07 -12.99 5.92
CA GLY A 65 21.42 -11.92 6.67
C GLY A 65 20.60 -11.17 5.63
N LYS A 66 19.66 -10.35 6.14
CA LYS A 66 18.99 -9.46 5.22
C LYS A 66 19.33 -8.01 5.58
N VAL A 67 18.94 -7.08 4.73
CA VAL A 67 19.17 -5.70 5.06
C VAL A 67 17.85 -5.05 5.18
N LEU A 68 17.68 -4.27 6.26
CA LEU A 68 16.43 -3.43 6.34
C LEU A 68 16.66 -2.00 5.81
N SER A 69 15.93 -1.51 4.85
CA SER A 69 16.17 -0.20 4.44
C SER A 69 15.04 0.80 4.83
N CYS A 70 15.33 2.12 5.03
CA CYS A 70 14.29 3.12 5.33
C CYS A 70 14.84 4.46 5.12
N GLY A 71 13.92 5.42 4.94
CA GLY A 71 14.26 6.78 4.74
C GLY A 71 12.99 7.58 4.71
N ASN A 72 13.04 8.90 4.93
CA ASN A 72 11.84 9.73 4.78
C ASN A 72 11.64 10.43 3.46
N GLY A 73 10.45 10.94 3.24
CA GLY A 73 10.17 11.68 2.10
C GLY A 73 10.64 10.97 0.84
N GLY A 74 11.17 11.77 -0.06
CA GLY A 74 11.83 11.36 -1.27
C GLY A 74 12.81 10.27 -1.04
N SER A 75 13.22 10.11 0.20
CA SER A 75 14.22 9.15 0.52
C SER A 75 13.70 7.77 0.77
N HIS A 76 12.39 7.70 0.81
CA HIS A 76 11.74 6.46 1.14
C HIS A 76 11.68 5.66 -0.11
N CYS A 77 11.20 6.27 -1.19
CA CYS A 77 11.43 5.64 -2.45
C CYS A 77 12.86 5.11 -2.61
N ASP A 78 13.88 5.96 -2.69
CA ASP A 78 15.21 5.39 -2.69
C ASP A 78 15.27 4.16 -1.80
N ALA A 79 14.70 4.16 -0.59
CA ALA A 79 14.89 2.95 0.17
C ALA A 79 14.15 1.75 -0.41
N MET A 80 13.06 1.98 -1.14
CA MET A 80 12.30 0.81 -1.74
C MET A 80 13.01 0.22 -2.93
N HIS A 81 13.29 1.11 -3.93
CA HIS A 81 14.06 0.74 -5.09
C HIS A 81 15.21 -0.12 -4.63
N PHE A 82 15.78 0.22 -3.49
CA PHE A 82 17.00 -0.40 -3.12
C PHE A 82 16.59 -1.79 -2.90
N ALA A 83 15.50 -2.02 -2.15
CA ALA A 83 15.28 -3.39 -1.66
C ALA A 83 14.59 -4.24 -2.75
N GLU A 84 13.72 -3.61 -3.48
CA GLU A 84 13.12 -4.28 -4.56
C GLU A 84 14.13 -4.81 -5.56
N GLU A 85 15.13 -4.01 -5.89
CA GLU A 85 16.16 -4.47 -6.79
C GLU A 85 16.88 -5.64 -6.21
N LEU A 86 17.18 -5.61 -4.92
CA LEU A 86 18.05 -6.62 -4.40
C LEU A 86 17.35 -7.88 -4.14
N THR A 87 16.11 -7.73 -3.77
CA THR A 87 15.24 -8.88 -3.52
C THR A 87 14.87 -9.45 -4.87
N GLY A 88 14.77 -8.58 -5.84
CA GLY A 88 14.59 -9.01 -7.24
C GLY A 88 15.64 -10.00 -7.77
N ARG A 89 16.84 -9.90 -7.27
CA ARG A 89 17.83 -10.72 -7.84
C ARG A 89 18.14 -11.85 -6.97
N TYR A 90 18.12 -11.68 -5.67
CA TYR A 90 18.59 -12.75 -4.82
C TYR A 90 17.58 -13.62 -4.12
N ARG A 91 16.32 -13.60 -4.54
CA ARG A 91 15.31 -14.36 -3.76
C ARG A 91 15.58 -15.84 -4.11
N GLU A 92 15.77 -16.07 -5.42
CA GLU A 92 16.04 -17.43 -5.95
C GLU A 92 16.96 -18.31 -5.09
N ASN A 93 16.55 -19.54 -4.88
CA ASN A 93 17.26 -20.51 -4.04
C ASN A 93 18.03 -19.97 -2.79
N ARG A 94 17.31 -19.09 -2.10
CA ARG A 94 17.70 -18.40 -0.82
C ARG A 94 16.38 -18.25 -0.05
N PRO A 95 16.32 -18.65 1.23
CA PRO A 95 15.15 -18.36 2.21
C PRO A 95 14.90 -16.87 2.51
N GLY A 96 13.75 -16.55 3.08
CA GLY A 96 13.43 -15.18 3.39
C GLY A 96 13.48 -14.20 2.22
N TYR A 97 13.85 -13.00 2.62
CA TYR A 97 14.00 -11.91 1.65
C TYR A 97 15.36 -11.34 1.97
N PRO A 98 16.11 -11.01 0.91
CA PRO A 98 17.42 -10.39 1.11
C PRO A 98 17.30 -8.93 1.62
N ALA A 99 16.33 -8.20 1.05
CA ALA A 99 16.13 -6.80 1.40
C ALA A 99 14.67 -6.45 1.73
N ILE A 100 14.42 -5.65 2.80
CA ILE A 100 12.99 -5.26 3.06
C ILE A 100 12.99 -3.81 3.32
N ALA A 101 12.12 -3.07 2.70
CA ALA A 101 12.06 -1.67 2.95
C ALA A 101 10.91 -1.30 3.88
N ILE A 102 11.21 -1.10 5.17
CA ILE A 102 10.38 -0.47 6.18
C ILE A 102 9.28 0.46 5.70
N SER A 103 8.13 -0.21 5.75
CA SER A 103 6.83 0.15 5.08
C SER A 103 6.24 1.32 5.86
N ASP A 104 6.57 2.48 5.28
CA ASP A 104 6.05 3.81 5.62
C ASP A 104 5.97 4.54 4.30
N ASN A 118 7.32 8.24 15.02
CA ASN A 118 8.73 8.37 15.39
C ASN A 118 9.42 7.05 15.65
N ASP A 119 8.67 6.08 16.15
CA ASP A 119 9.23 4.72 16.34
C ASP A 119 8.91 3.74 15.20
N ILE A 120 8.43 4.26 14.05
CA ILE A 120 7.90 3.49 12.95
C ILE A 120 8.97 2.64 12.27
N PHE A 121 10.19 3.14 12.15
CA PHE A 121 11.24 2.29 11.62
C PHE A 121 11.87 1.50 12.73
N SER A 122 11.92 2.00 13.96
CA SER A 122 12.57 1.18 15.01
C SER A 122 11.77 -0.09 15.52
N ARG A 123 10.48 0.06 15.80
CA ARG A 123 9.66 -1.07 16.07
C ARG A 123 9.81 -2.18 14.99
N TYR A 124 9.81 -1.84 13.73
CA TYR A 124 10.18 -2.80 12.74
C TYR A 124 11.52 -3.35 12.95
N VAL A 125 12.55 -2.54 13.01
CA VAL A 125 13.80 -3.15 13.43
C VAL A 125 13.64 -4.19 14.61
N GLU A 126 13.00 -3.81 15.74
CA GLU A 126 12.82 -4.77 16.87
C GLU A 126 12.00 -6.01 16.41
N ALA A 127 11.04 -5.77 15.50
CA ALA A 127 10.14 -6.83 14.98
C ALA A 127 10.91 -7.93 14.24
N VAL A 128 11.96 -7.56 13.51
CA VAL A 128 12.42 -8.56 12.57
C VAL A 128 13.88 -8.65 12.48
N GLY A 129 14.57 -7.72 13.14
CA GLY A 129 16.01 -7.63 12.92
C GLY A 129 16.63 -8.79 13.63
N ARG A 130 17.76 -9.16 13.06
CA ARG A 130 18.51 -10.32 13.47
C ARG A 130 19.97 -10.01 13.32
N GLU A 131 20.71 -10.52 14.30
CA GLU A 131 22.13 -10.41 14.36
C GLU A 131 22.78 -10.75 13.07
N GLY A 132 23.60 -9.85 12.52
CA GLY A 132 24.20 -10.13 11.26
C GLY A 132 23.50 -9.54 10.07
N ASP A 133 22.33 -8.97 10.33
CA ASP A 133 21.52 -8.23 9.30
C ASP A 133 22.01 -6.82 9.23
N VAL A 134 21.53 -6.00 8.38
CA VAL A 134 22.17 -4.72 8.27
C VAL A 134 21.05 -3.76 8.35
N LEU A 135 21.28 -2.46 8.39
CA LEU A 135 20.22 -1.37 8.45
C LEU A 135 20.71 -0.22 7.64
N LEU A 136 20.08 -0.05 6.48
CA LEU A 136 20.46 1.05 5.55
C LEU A 136 19.53 2.22 5.82
N GLY A 137 19.98 3.17 6.62
CA GLY A 137 19.03 4.39 6.92
C GLY A 137 19.33 5.60 6.07
N ILE A 138 18.37 6.24 5.52
CA ILE A 138 18.72 7.27 4.61
C ILE A 138 18.17 8.55 5.15
N SER A 139 18.99 9.60 5.32
CA SER A 139 18.51 10.92 5.79
C SER A 139 19.27 12.02 5.18
N THR A 140 18.72 12.77 4.25
CA THR A 140 19.57 13.78 3.63
C THR A 140 20.19 14.76 4.63
N SER A 141 19.47 15.00 5.71
CA SER A 141 19.88 16.02 6.65
C SER A 141 20.82 15.56 7.78
N GLY A 142 20.91 14.28 8.09
CA GLY A 142 21.74 13.84 9.18
C GLY A 142 20.84 13.94 10.43
N ASN A 143 19.58 14.47 10.28
CA ASN A 143 18.80 14.72 11.51
C ASN A 143 17.52 14.01 11.90
N SER A 144 17.10 13.05 11.06
CA SER A 144 15.80 12.26 11.07
C SER A 144 15.63 11.43 12.32
N ALA A 145 14.64 11.79 13.17
CA ALA A 145 14.44 11.10 14.46
C ALA A 145 14.27 9.58 14.30
N ASN A 146 13.40 9.20 13.33
CA ASN A 146 13.10 7.81 13.03
C ASN A 146 14.30 7.09 12.69
N VAL A 147 15.06 7.61 11.69
CA VAL A 147 16.31 6.88 11.40
C VAL A 147 17.27 6.70 12.59
N ILE A 148 17.22 7.64 13.50
CA ILE A 148 18.12 7.60 14.66
C ILE A 148 17.57 6.55 15.63
N LYS A 149 16.25 6.46 15.72
CA LYS A 149 15.74 5.45 16.58
C LYS A 149 16.02 4.08 15.98
N ALA A 150 15.87 3.95 14.64
CA ALA A 150 16.14 2.66 13.92
C ALA A 150 17.53 2.17 14.23
N ILE A 151 18.48 3.09 14.04
CA ILE A 151 19.91 2.87 14.26
C ILE A 151 20.22 2.38 15.62
N ALA A 152 19.51 2.96 16.59
CA ALA A 152 19.66 2.53 17.94
C ALA A 152 19.13 1.09 18.02
N ALA A 153 17.91 0.86 17.52
CA ALA A 153 17.37 -0.48 17.64
C ALA A 153 18.26 -1.41 16.79
N ALA A 154 18.77 -0.95 15.64
CA ALA A 154 19.71 -1.81 14.97
C ALA A 154 20.99 -2.21 15.84
N ARG A 155 21.70 -1.26 16.49
CA ARG A 155 22.77 -1.71 17.43
C ARG A 155 22.27 -2.71 18.44
N GLU A 156 21.11 -2.50 19.03
CA GLU A 156 20.62 -3.47 20.01
C GLU A 156 20.50 -4.88 19.42
N LYS A 157 20.26 -5.02 18.11
CA LYS A 157 19.93 -6.35 17.56
C LYS A 157 21.25 -6.96 17.08
N GLY A 158 22.38 -6.24 17.26
CA GLY A 158 23.67 -6.69 16.79
C GLY A 158 23.79 -6.56 15.28
N MET A 159 23.24 -5.46 14.77
CA MET A 159 23.17 -5.27 13.31
C MET A 159 24.12 -4.14 12.92
N LYS A 160 24.76 -4.28 11.74
CA LYS A 160 25.63 -3.23 11.14
C LYS A 160 24.77 -2.16 10.56
N VAL A 161 25.29 -0.92 10.45
CA VAL A 161 24.45 0.22 10.07
C VAL A 161 25.21 0.97 9.00
N ILE A 162 24.57 1.27 7.85
CA ILE A 162 25.12 1.97 6.73
C ILE A 162 24.11 3.08 6.49
N THR A 163 24.61 4.34 6.44
CA THR A 163 23.75 5.45 6.26
C THR A 163 24.12 6.22 4.97
N LEU A 164 23.10 6.85 4.42
CA LEU A 164 23.27 7.69 3.32
C LEU A 164 22.83 9.12 3.78
N THR A 165 23.79 10.06 3.83
CA THR A 165 23.55 11.34 4.44
C THR A 165 24.01 12.45 3.56
N GLY A 166 23.93 13.61 4.17
CA GLY A 166 24.17 14.86 3.47
C GLY A 166 24.54 15.93 4.48
N LYS A 167 24.92 17.12 3.98
CA LYS A 167 25.35 18.24 4.84
C LYS A 167 26.46 17.79 5.80
N ASP A 168 26.38 18.25 7.06
CA ASP A 168 27.47 17.88 8.03
C ASP A 168 27.22 16.49 8.53
N GLY A 169 26.05 15.90 8.15
CA GLY A 169 25.68 14.57 8.62
C GLY A 169 25.02 14.62 10.00
N GLY A 170 24.42 15.75 10.30
CA GLY A 170 23.63 15.99 11.54
C GLY A 170 23.87 15.18 12.76
N LYS A 171 22.79 14.94 13.47
CA LYS A 171 22.89 14.15 14.62
C LYS A 171 23.31 12.78 14.34
N MET A 172 23.22 12.26 13.11
CA MET A 172 23.64 10.84 12.96
C MET A 172 25.14 10.68 12.83
N ALA A 173 25.79 11.77 12.42
CA ALA A 173 27.22 11.85 12.22
C ALA A 173 27.95 10.93 13.12
N GLY A 174 28.59 9.97 12.46
CA GLY A 174 29.38 8.93 13.07
C GLY A 174 28.67 7.85 13.86
N THR A 175 27.41 7.60 13.66
CA THR A 175 26.79 6.51 14.38
C THR A 175 26.75 5.23 13.60
N ALA A 176 27.09 5.34 12.32
CA ALA A 176 26.87 4.32 11.32
C ALA A 176 28.14 3.51 11.22
N ASP A 177 28.12 2.22 10.84
CA ASP A 177 29.37 1.55 10.55
C ASP A 177 29.97 2.10 9.29
N ILE A 178 29.21 2.77 8.44
CA ILE A 178 29.73 3.33 7.20
C ILE A 178 28.83 4.50 6.70
N GLU A 179 29.28 5.75 6.79
CA GLU A 179 28.45 6.84 6.32
C GLU A 179 28.94 7.23 4.90
N ILE A 180 28.06 7.52 3.98
CA ILE A 180 28.38 7.92 2.69
C ILE A 180 27.71 9.26 2.69
N ARG A 181 28.49 10.34 2.88
CA ARG A 181 27.97 11.71 3.14
C ARG A 181 28.06 12.63 1.93
N VAL A 182 27.02 13.40 1.72
CA VAL A 182 26.98 14.13 0.50
C VAL A 182 27.30 15.57 0.85
N PRO A 183 28.46 16.12 0.35
CA PRO A 183 28.92 17.47 0.81
C PRO A 183 27.94 18.53 0.27
N HIS A 184 26.67 18.46 0.62
CA HIS A 184 25.73 19.53 0.21
C HIS A 184 25.08 20.15 1.41
N PHE A 185 24.88 21.46 1.37
CA PHE A 185 24.47 22.13 2.57
C PHE A 185 23.15 22.85 2.44
N GLY A 186 22.43 22.63 1.33
CA GLY A 186 21.18 23.37 1.03
C GLY A 186 19.94 22.53 1.28
N TYR A 187 18.92 22.65 0.40
CA TYR A 187 17.76 21.72 0.29
C TYR A 187 18.16 20.26 0.06
N ALA A 188 17.24 19.35 0.37
CA ALA A 188 17.49 17.92 0.17
C ALA A 188 17.77 17.47 -1.34
N ASP A 189 16.98 18.06 -2.25
CA ASP A 189 17.18 17.91 -3.73
C ASP A 189 18.49 17.28 -4.12
N ARG A 190 19.53 18.12 -4.03
CA ARG A 190 20.88 17.86 -4.46
C ARG A 190 21.43 16.71 -3.74
N ILE A 191 21.01 16.49 -2.51
CA ILE A 191 21.55 15.27 -1.86
C ILE A 191 20.83 14.01 -2.33
N GLN A 192 19.53 14.12 -2.39
CA GLN A 192 18.82 12.92 -2.79
C GLN A 192 19.47 12.34 -4.07
N GLU A 193 19.45 13.22 -5.10
CA GLU A 193 19.99 12.90 -6.44
C GLU A 193 21.29 12.17 -6.42
N ILE A 194 22.11 12.31 -5.37
CA ILE A 194 23.41 11.70 -5.44
C ILE A 194 23.12 10.42 -4.84
N HIS A 195 22.28 10.44 -3.79
CA HIS A 195 21.80 9.16 -3.04
C HIS A 195 21.37 7.92 -3.98
N ILE A 196 20.57 8.30 -4.98
CA ILE A 196 20.08 7.42 -5.89
C ILE A 196 21.18 6.88 -6.68
N LYS A 197 22.13 7.72 -7.18
CA LYS A 197 23.35 7.21 -7.91
C LYS A 197 24.10 6.31 -6.99
N VAL A 198 24.23 6.68 -5.75
CA VAL A 198 24.98 5.75 -4.96
C VAL A 198 24.25 4.36 -5.02
N ILE A 199 22.90 4.43 -4.82
CA ILE A 199 22.12 3.20 -4.58
C ILE A 199 22.23 2.37 -5.83
N HIS A 200 21.98 3.03 -6.95
CA HIS A 200 22.40 2.42 -8.17
C HIS A 200 23.80 1.72 -8.06
N ILE A 201 24.90 2.47 -7.94
CA ILE A 201 26.25 1.84 -8.07
C ILE A 201 26.30 0.75 -7.05
N LEU A 202 25.67 0.93 -5.89
CA LEU A 202 25.75 -0.19 -4.93
C LEU A 202 25.19 -1.53 -5.51
N ILE A 203 24.16 -1.41 -6.32
CA ILE A 203 23.51 -2.62 -6.72
C ILE A 203 24.51 -3.37 -7.64
N GLN A 204 25.19 -2.61 -8.49
CA GLN A 204 26.17 -3.18 -9.34
C GLN A 204 27.28 -3.79 -8.45
N LEU A 205 27.84 -3.01 -7.55
CA LEU A 205 28.93 -3.58 -6.88
C LEU A 205 28.51 -4.85 -6.19
N ILE A 206 27.35 -4.87 -5.53
CA ILE A 206 26.87 -6.13 -4.88
C ILE A 206 26.85 -7.36 -5.88
N GLU A 207 26.41 -7.09 -7.09
CA GLU A 207 26.31 -8.12 -8.04
C GLU A 207 27.63 -8.84 -8.27
N LYS A 208 28.64 -8.12 -8.76
CA LYS A 208 30.01 -8.59 -8.90
C LYS A 208 30.58 -9.21 -7.63
N GLU A 209 30.08 -8.79 -6.48
CA GLU A 209 30.43 -9.50 -5.25
C GLU A 209 29.71 -10.87 -5.09
N MET A 210 28.55 -11.02 -5.70
CA MET A 210 27.72 -12.15 -5.37
C MET A 210 28.14 -13.31 -6.28
N VAL A 211 28.29 -12.95 -7.58
CA VAL A 211 28.77 -13.83 -8.67
C VAL A 211 30.22 -14.19 -8.42
N LYS A 212 30.77 -13.88 -7.26
CA LYS A 212 32.21 -14.12 -7.02
C LYS A 212 32.34 -15.17 -5.88
N MET B 21 -36.84 -9.05 -8.77
CA MET B 21 -37.19 -9.19 -7.35
C MET B 21 -36.41 -10.38 -6.72
N TYR B 22 -35.54 -10.06 -5.76
CA TYR B 22 -34.61 -11.04 -5.19
C TYR B 22 -34.80 -11.20 -3.69
N GLN B 23 -36.05 -11.03 -3.28
CA GLN B 23 -36.45 -11.07 -1.93
C GLN B 23 -36.18 -12.44 -1.38
N ASP B 24 -36.44 -13.40 -2.24
CA ASP B 24 -36.18 -14.76 -1.83
C ASP B 24 -34.67 -15.12 -1.71
N LEU B 25 -33.98 -14.72 -2.78
CA LEU B 25 -32.57 -14.82 -2.86
C LEU B 25 -31.89 -14.28 -1.63
N ILE B 26 -32.12 -13.03 -1.32
CA ILE B 26 -31.60 -12.37 -0.08
C ILE B 26 -31.89 -13.11 1.21
N ARG B 27 -33.17 -13.33 1.51
CA ARG B 27 -33.55 -14.13 2.72
C ARG B 27 -32.90 -15.46 2.73
N ASN B 28 -32.62 -15.96 1.51
CA ASN B 28 -31.95 -17.21 1.38
C ASN B 28 -30.53 -17.28 1.93
N GLU B 29 -29.70 -16.44 1.30
CA GLU B 29 -28.38 -16.12 1.84
C GLU B 29 -28.39 -15.81 3.33
N LEU B 30 -29.26 -14.87 3.78
CA LEU B 30 -29.26 -14.47 5.22
C LEU B 30 -29.54 -15.65 6.11
N ASN B 31 -30.37 -16.55 5.52
CA ASN B 31 -30.81 -17.75 6.22
C ASN B 31 -29.70 -18.80 6.32
N GLU B 32 -29.01 -19.04 5.17
CA GLU B 32 -27.78 -19.77 5.18
C GLU B 32 -26.85 -19.32 6.30
N ALA B 33 -26.76 -17.99 6.47
CA ALA B 33 -25.83 -17.40 7.36
C ALA B 33 -26.22 -17.77 8.76
N ALA B 34 -27.52 -17.57 9.08
CA ALA B 34 -28.06 -17.98 10.46
C ALA B 34 -27.75 -19.44 10.80
N GLU B 35 -27.89 -20.26 9.77
CA GLU B 35 -27.68 -21.65 9.80
C GLU B 35 -26.28 -21.97 10.09
N THR B 36 -25.39 -21.44 9.24
CA THR B 36 -24.00 -21.71 9.49
C THR B 36 -23.60 -21.30 10.89
N LEU B 37 -24.16 -20.16 11.25
CA LEU B 37 -23.81 -19.56 12.55
C LEU B 37 -24.30 -20.45 13.67
N ALA B 38 -25.53 -20.89 13.49
CA ALA B 38 -26.09 -21.89 14.44
C ALA B 38 -25.27 -23.26 14.49
N ASN B 39 -25.02 -23.88 13.31
CA ASN B 39 -24.12 -25.02 13.23
C ASN B 39 -22.76 -24.78 13.85
N PHE B 40 -22.16 -23.61 13.51
CA PHE B 40 -20.89 -23.23 14.23
C PHE B 40 -21.02 -23.23 15.81
N LEU B 41 -22.14 -22.67 16.33
CA LEU B 41 -22.28 -22.29 17.71
C LEU B 41 -22.50 -23.47 18.60
N LYS B 42 -23.13 -24.53 18.05
CA LYS B 42 -23.65 -25.65 18.84
C LYS B 42 -22.51 -26.52 19.23
N ASP B 43 -21.59 -26.71 18.28
CA ASP B 43 -20.48 -27.65 18.46
C ASP B 43 -19.48 -27.10 19.49
N ASP B 44 -19.46 -27.71 20.68
CA ASP B 44 -18.50 -27.24 21.78
C ASP B 44 -17.05 -27.03 21.36
N ALA B 45 -16.48 -28.00 20.66
CA ALA B 45 -15.11 -27.96 20.19
C ALA B 45 -14.78 -26.56 19.60
N ASN B 46 -15.64 -26.11 18.73
CA ASN B 46 -15.53 -24.80 18.19
C ASN B 46 -15.38 -23.71 19.21
N ILE B 47 -16.24 -23.63 20.21
CA ILE B 47 -16.03 -22.72 21.34
C ILE B 47 -14.72 -22.95 22.12
N HIS B 48 -14.22 -24.16 22.26
CA HIS B 48 -13.02 -24.25 23.07
C HIS B 48 -11.90 -23.80 22.20
N ALA B 49 -11.93 -24.13 20.89
CA ALA B 49 -10.79 -23.79 20.03
C ALA B 49 -10.63 -22.27 20.14
N ILE B 50 -11.73 -21.53 19.94
CA ILE B 50 -11.71 -20.07 20.07
C ILE B 50 -11.05 -19.59 21.36
N GLN B 51 -11.33 -20.26 22.47
CA GLN B 51 -10.70 -19.84 23.74
C GLN B 51 -9.17 -20.15 23.80
N ARG B 52 -8.77 -21.32 23.32
CA ARG B 52 -7.43 -21.76 23.62
C ARG B 52 -6.57 -20.87 22.73
N ALA B 53 -7.11 -20.52 21.56
CA ALA B 53 -6.46 -19.65 20.63
C ALA B 53 -6.14 -18.28 21.35
N ALA B 54 -7.19 -17.65 21.87
CA ALA B 54 -7.03 -16.36 22.56
C ALA B 54 -6.01 -16.44 23.63
N VAL B 55 -5.98 -17.57 24.30
CA VAL B 55 -5.03 -17.71 25.36
C VAL B 55 -3.65 -17.81 24.81
N LEU B 56 -3.39 -18.66 23.81
CA LEU B 56 -2.04 -18.81 23.29
C LEU B 56 -1.48 -17.49 22.65
N LEU B 57 -2.36 -16.77 21.97
CA LEU B 57 -1.95 -15.49 21.44
C LEU B 57 -1.43 -14.68 22.63
N ALA B 58 -2.33 -14.44 23.60
CA ALA B 58 -2.02 -13.56 24.75
C ALA B 58 -0.80 -13.96 25.53
N ASP B 59 -0.67 -15.26 25.82
CA ASP B 59 0.58 -15.75 26.39
C ASP B 59 1.82 -15.46 25.53
N SER B 60 1.64 -15.38 24.20
CA SER B 60 2.80 -15.12 23.36
C SER B 60 3.38 -13.68 23.54
N PHE B 61 2.52 -12.71 23.30
CA PHE B 61 2.75 -11.36 23.62
C PHE B 61 3.43 -11.11 24.98
N LYS B 62 2.79 -11.54 26.08
CA LYS B 62 3.35 -11.58 27.43
C LYS B 62 4.77 -12.05 27.46
N ALA B 63 5.13 -13.10 26.69
CA ALA B 63 6.50 -13.55 26.52
C ALA B 63 7.31 -12.75 25.45
N GLY B 64 6.75 -11.66 24.96
CA GLY B 64 7.38 -10.82 23.98
C GLY B 64 7.47 -11.39 22.61
N GLY B 65 6.57 -12.28 22.22
CA GLY B 65 6.61 -12.83 20.86
C GLY B 65 5.56 -12.02 20.09
N LYS B 66 5.54 -12.16 18.77
CA LYS B 66 4.47 -11.60 18.02
C LYS B 66 3.69 -12.64 17.18
N VAL B 67 2.65 -12.16 16.54
CA VAL B 67 1.81 -12.97 15.75
C VAL B 67 1.86 -12.45 14.37
N LEU B 68 2.22 -13.34 13.41
CA LEU B 68 2.06 -13.01 11.97
C LEU B 68 0.73 -13.54 11.35
N SER B 69 -0.04 -12.71 10.70
CA SER B 69 -1.29 -13.15 10.27
C SER B 69 -1.46 -13.05 8.70
N CYS B 70 -2.24 -13.94 8.04
CA CYS B 70 -2.29 -13.88 6.57
C CYS B 70 -3.44 -14.64 6.09
N GLY B 71 -3.93 -14.28 4.89
CA GLY B 71 -5.09 -14.87 4.37
C GLY B 71 -5.30 -14.42 2.95
N ASN B 72 -6.07 -15.17 2.15
CA ASN B 72 -6.27 -14.77 0.74
C ASN B 72 -7.60 -14.03 0.50
N GLY B 73 -7.63 -13.26 -0.56
CA GLY B 73 -8.79 -12.44 -0.93
C GLY B 73 -9.45 -11.91 0.30
N GLY B 74 -10.69 -12.29 0.55
CA GLY B 74 -11.41 -11.55 1.55
C GLY B 74 -10.90 -11.93 2.90
N SER B 75 -10.01 -12.91 2.92
CA SER B 75 -9.57 -13.35 4.21
C SER B 75 -8.41 -12.54 4.55
N HIS B 76 -7.88 -11.81 3.56
CA HIS B 76 -6.70 -10.93 3.77
C HIS B 76 -7.08 -9.77 4.62
N CYS B 77 -8.12 -9.08 4.20
CA CYS B 77 -8.79 -8.23 5.13
C CYS B 77 -9.02 -8.73 6.54
N ASP B 78 -9.49 -9.93 6.75
CA ASP B 78 -9.70 -10.29 8.12
C ASP B 78 -8.36 -10.27 8.72
N ALA B 79 -7.29 -10.58 7.98
CA ALA B 79 -6.02 -10.79 8.68
C ALA B 79 -5.34 -9.48 9.18
N MET B 80 -5.54 -8.45 8.39
CA MET B 80 -5.22 -7.11 8.70
C MET B 80 -5.98 -6.53 9.88
N HIS B 81 -7.32 -6.58 9.91
CA HIS B 81 -8.01 -6.08 11.00
C HIS B 81 -7.46 -6.83 12.23
N PHE B 82 -7.17 -8.08 12.13
CA PHE B 82 -6.92 -8.71 13.40
C PHE B 82 -5.63 -8.09 13.89
N ALA B 83 -4.75 -7.77 12.96
CA ALA B 83 -3.47 -7.32 13.45
C ALA B 83 -3.42 -5.85 13.88
N GLU B 84 -4.07 -5.05 13.07
CA GLU B 84 -4.19 -3.69 13.30
C GLU B 84 -4.84 -3.50 14.62
N GLU B 85 -5.94 -4.18 14.88
CA GLU B 85 -6.56 -4.15 16.20
C GLU B 85 -5.58 -4.41 17.35
N LEU B 86 -4.81 -5.46 17.32
CA LEU B 86 -3.97 -5.73 18.40
C LEU B 86 -2.69 -4.90 18.38
N THR B 87 -2.15 -4.54 17.25
CA THR B 87 -1.01 -3.69 17.36
C THR B 87 -1.49 -2.33 17.98
N GLY B 88 -2.59 -1.76 17.56
CA GLY B 88 -3.05 -0.54 18.18
C GLY B 88 -3.60 -0.61 19.61
N ARG B 89 -3.24 -1.65 20.36
CA ARG B 89 -3.66 -1.81 21.73
C ARG B 89 -2.43 -2.08 22.55
N TYR B 90 -1.48 -2.83 22.06
CA TYR B 90 -0.46 -3.27 22.90
C TYR B 90 0.86 -2.78 22.44
N ARG B 91 0.90 -1.88 21.44
CA ARG B 91 2.19 -1.29 20.99
C ARG B 91 2.84 -0.60 22.19
N GLU B 92 2.00 0.07 23.02
CA GLU B 92 2.43 0.98 24.16
C GLU B 92 3.25 0.33 25.19
N ASN B 93 4.33 1.00 25.52
CA ASN B 93 5.40 0.47 26.39
C ASN B 93 5.71 -0.99 26.15
N ARG B 94 5.61 -1.39 24.88
CA ARG B 94 6.14 -2.71 24.40
C ARG B 94 7.02 -2.55 23.08
N PRO B 95 8.15 -3.29 22.98
CA PRO B 95 9.02 -3.19 21.75
C PRO B 95 8.41 -3.82 20.40
N GLY B 96 9.00 -3.53 19.26
CA GLY B 96 8.44 -4.08 18.03
C GLY B 96 6.98 -3.88 17.83
N TYR B 97 6.32 -4.91 17.31
CA TYR B 97 4.89 -4.90 17.01
C TYR B 97 4.24 -6.16 17.52
N PRO B 98 3.08 -6.11 18.11
CA PRO B 98 2.56 -7.44 18.56
C PRO B 98 1.89 -8.20 17.42
N ALA B 99 1.49 -7.50 16.36
CA ALA B 99 0.89 -8.17 15.28
C ALA B 99 1.23 -7.58 13.90
N ILE B 100 1.59 -8.49 12.94
CA ILE B 100 1.80 -8.02 11.55
C ILE B 100 1.11 -8.80 10.48
N ALA B 101 0.35 -8.18 9.66
CA ALA B 101 -0.27 -8.88 8.62
C ALA B 101 0.68 -8.92 7.43
N ILE B 102 0.81 -10.10 6.79
CA ILE B 102 1.79 -10.31 5.75
C ILE B 102 1.37 -9.69 4.45
N SER B 103 0.80 -8.51 4.44
CA SER B 103 0.87 -7.68 3.19
C SER B 103 0.24 -8.35 2.04
N ASN B 118 3.23 -17.68 -4.28
CA ASN B 118 3.27 -18.97 -3.52
C ASN B 118 4.10 -19.01 -2.29
N ASP B 119 5.24 -18.29 -2.30
CA ASP B 119 6.12 -18.29 -1.12
C ASP B 119 6.03 -16.93 -0.50
N ILE B 120 5.21 -15.99 -1.05
CA ILE B 120 4.80 -14.70 -0.40
C ILE B 120 4.52 -14.73 1.10
N PHE B 121 3.86 -15.75 1.63
CA PHE B 121 3.72 -15.76 3.07
C PHE B 121 4.87 -16.41 3.72
N SER B 122 5.40 -17.45 3.12
CA SER B 122 6.41 -18.21 3.89
C SER B 122 7.73 -17.40 3.92
N ARG B 123 8.03 -16.67 2.85
CA ARG B 123 9.27 -15.98 2.84
C ARG B 123 9.28 -14.94 3.99
N TYR B 124 8.18 -14.21 4.13
CA TYR B 124 8.03 -13.39 5.28
C TYR B 124 8.28 -14.18 6.51
N VAL B 125 7.48 -15.19 6.74
CA VAL B 125 7.75 -15.94 7.96
C VAL B 125 9.22 -16.22 8.09
N GLU B 126 9.97 -16.59 7.04
CA GLU B 126 11.42 -16.88 7.23
C GLU B 126 12.28 -15.59 7.55
N ALA B 127 11.98 -14.51 6.85
CA ALA B 127 12.56 -13.20 7.09
C ALA B 127 12.38 -12.70 8.49
N VAL B 128 11.22 -12.93 9.16
CA VAL B 128 11.05 -12.30 10.47
C VAL B 128 10.57 -13.21 11.58
N GLY B 129 10.18 -14.41 11.27
CA GLY B 129 9.52 -15.15 12.32
C GLY B 129 10.56 -15.50 13.36
N ARG B 130 10.14 -15.64 14.63
CA ARG B 130 11.02 -15.96 15.78
C ARG B 130 10.45 -17.04 16.66
N GLU B 131 11.27 -17.93 17.19
CA GLU B 131 10.78 -18.87 18.16
C GLU B 131 9.86 -18.27 19.22
N GLY B 132 8.64 -18.77 19.35
CA GLY B 132 7.71 -18.27 20.30
C GLY B 132 6.75 -17.33 19.68
N ASP B 133 6.94 -16.84 18.42
CA ASP B 133 5.82 -16.14 17.71
C ASP B 133 4.77 -17.07 17.17
N VAL B 134 3.71 -16.61 16.56
CA VAL B 134 2.59 -17.42 16.30
C VAL B 134 2.25 -17.02 14.92
N LEU B 135 1.64 -17.87 14.11
CA LEU B 135 1.23 -17.53 12.71
C LEU B 135 -0.26 -17.75 12.70
N LEU B 136 -1.03 -16.83 12.21
CA LEU B 136 -2.43 -17.13 12.16
C LEU B 136 -2.80 -17.29 10.69
N GLY B 137 -3.08 -18.55 10.22
CA GLY B 137 -3.25 -18.75 8.74
C GLY B 137 -4.68 -18.81 8.49
N ILE B 138 -5.22 -18.06 7.62
CA ILE B 138 -6.58 -18.14 7.36
C ILE B 138 -6.79 -18.56 5.86
N SER B 139 -7.67 -19.54 5.70
CA SER B 139 -8.10 -20.09 4.49
C SER B 139 -9.44 -20.72 4.67
N THR B 140 -10.42 -20.21 3.99
CA THR B 140 -11.78 -20.78 4.06
C THR B 140 -11.86 -22.14 3.51
N SER B 141 -11.04 -22.49 2.54
CA SER B 141 -11.04 -23.89 1.97
C SER B 141 -10.07 -24.81 2.62
N GLY B 142 -8.91 -24.37 3.06
CA GLY B 142 -8.05 -25.36 3.77
C GLY B 142 -6.92 -25.74 2.83
N ASN B 143 -7.03 -25.24 1.61
CA ASN B 143 -6.20 -25.63 0.56
C ASN B 143 -5.34 -24.57 -0.09
N SER B 144 -5.37 -23.30 0.39
CA SER B 144 -4.37 -22.22 0.09
C SER B 144 -2.93 -22.68 0.14
N ALA B 145 -2.32 -22.77 -1.05
CA ALA B 145 -0.92 -23.14 -1.15
C ALA B 145 -0.02 -22.32 -0.24
N ASN B 146 -0.21 -20.97 -0.36
CA ASN B 146 0.62 -20.02 0.45
C ASN B 146 0.51 -20.26 1.88
N VAL B 147 -0.71 -20.38 2.35
CA VAL B 147 -0.85 -20.57 3.75
C VAL B 147 -0.22 -21.92 4.11
N ILE B 148 -0.25 -22.89 3.17
CA ILE B 148 0.36 -24.25 3.56
C ILE B 148 1.90 -24.11 3.80
N LYS B 149 2.52 -23.41 2.85
CA LYS B 149 3.93 -23.09 2.88
C LYS B 149 4.26 -22.24 4.13
N ALA B 150 3.40 -21.23 4.38
CA ALA B 150 3.59 -20.38 5.58
C ALA B 150 3.76 -21.17 6.89
N ILE B 151 2.74 -22.06 7.11
CA ILE B 151 2.66 -22.96 8.23
C ILE B 151 3.90 -23.79 8.38
N ALA B 152 4.51 -24.20 7.26
CA ALA B 152 5.67 -25.09 7.28
C ALA B 152 6.88 -24.30 7.71
N ALA B 153 7.00 -23.05 7.20
CA ALA B 153 8.07 -22.12 7.54
C ALA B 153 7.90 -21.82 8.99
N ALA B 154 6.67 -21.54 9.38
CA ALA B 154 6.38 -21.37 10.80
C ALA B 154 6.85 -22.53 11.68
N ARG B 155 6.70 -23.77 11.20
CA ARG B 155 7.14 -24.85 12.09
C ARG B 155 8.67 -24.85 12.08
N GLU B 156 9.37 -24.35 11.03
CA GLU B 156 10.86 -24.48 10.96
C GLU B 156 11.41 -23.43 11.98
N LYS B 157 10.69 -22.32 12.07
CA LYS B 157 10.99 -21.29 13.02
C LYS B 157 10.54 -21.62 14.49
N GLY B 158 9.98 -22.80 14.70
CA GLY B 158 9.56 -23.13 16.07
C GLY B 158 8.43 -22.22 16.57
N MET B 159 7.57 -21.80 15.62
CA MET B 159 6.34 -21.06 15.92
C MET B 159 5.11 -21.92 16.03
N LYS B 160 4.19 -21.57 16.90
CA LYS B 160 2.86 -22.16 17.01
C LYS B 160 1.93 -21.75 15.80
N VAL B 161 0.91 -22.52 15.44
CA VAL B 161 0.20 -22.20 14.22
C VAL B 161 -1.27 -22.30 14.58
N ILE B 162 -2.06 -21.26 14.30
CA ILE B 162 -3.51 -21.26 14.54
C ILE B 162 -4.14 -20.94 13.17
N THR B 163 -5.15 -21.77 12.77
CA THR B 163 -5.79 -21.55 11.45
C THR B 163 -7.26 -21.24 11.59
N LEU B 164 -7.80 -20.48 10.69
CA LEU B 164 -9.17 -20.31 10.74
C LEU B 164 -9.65 -20.88 9.38
N THR B 165 -10.43 -21.96 9.48
CA THR B 165 -10.73 -22.71 8.30
C THR B 165 -12.21 -22.96 8.09
N GLY B 166 -12.48 -23.59 6.94
CA GLY B 166 -13.79 -23.86 6.38
C GLY B 166 -13.81 -25.34 5.98
N LYS B 167 -15.06 -25.88 5.74
CA LYS B 167 -15.33 -27.15 5.01
C LYS B 167 -14.71 -28.29 5.76
N ASP B 168 -14.24 -29.29 5.03
CA ASP B 168 -13.47 -30.39 5.72
C ASP B 168 -12.17 -30.01 6.43
N GLY B 169 -11.69 -28.77 6.21
CA GLY B 169 -10.33 -28.39 6.61
C GLY B 169 -9.26 -28.53 5.50
N GLY B 170 -9.66 -28.92 4.27
CA GLY B 170 -8.78 -29.28 3.15
C GLY B 170 -7.41 -29.85 3.53
N LYS B 171 -6.37 -29.53 2.71
CA LYS B 171 -5.00 -30.09 2.96
C LYS B 171 -4.35 -29.62 4.21
N MET B 172 -4.89 -28.52 4.83
CA MET B 172 -4.31 -27.98 6.09
C MET B 172 -4.67 -28.81 7.28
N ALA B 173 -5.85 -29.46 7.20
CA ALA B 173 -6.42 -30.31 8.29
C ALA B 173 -5.32 -30.93 9.11
N GLY B 174 -5.26 -30.72 10.41
CA GLY B 174 -4.28 -31.38 11.26
C GLY B 174 -2.87 -30.74 11.28
N THR B 175 -2.56 -29.77 10.44
CA THR B 175 -1.28 -29.21 10.62
C THR B 175 -1.14 -28.09 11.64
N ALA B 176 -2.26 -27.56 12.13
CA ALA B 176 -2.27 -26.42 13.03
C ALA B 176 -2.21 -26.80 14.47
N ASP B 177 -1.65 -25.97 15.33
CA ASP B 177 -1.76 -26.24 16.78
C ASP B 177 -3.16 -26.07 17.24
N ILE B 178 -3.96 -25.21 16.62
CA ILE B 178 -5.29 -25.00 17.07
C ILE B 178 -6.12 -24.66 15.87
N GLU B 179 -6.99 -25.53 15.36
CA GLU B 179 -7.77 -25.16 14.18
C GLU B 179 -9.18 -24.78 14.56
N ILE B 180 -9.68 -23.73 13.99
CA ILE B 180 -10.96 -23.21 14.36
C ILE B 180 -11.76 -23.40 13.07
N ARG B 181 -12.65 -24.47 12.95
CA ARG B 181 -13.14 -24.86 11.59
C ARG B 181 -14.57 -24.54 11.32
N VAL B 182 -14.92 -23.94 10.19
CA VAL B 182 -16.31 -23.57 10.01
C VAL B 182 -17.02 -24.61 9.20
N PRO B 183 -18.03 -25.35 9.78
CA PRO B 183 -18.68 -26.47 9.08
C PRO B 183 -19.52 -26.02 7.98
N HIS B 184 -18.98 -25.53 6.86
CA HIS B 184 -19.81 -25.08 5.79
C HIS B 184 -19.03 -25.62 4.66
N PHE B 185 -19.78 -25.97 3.57
CA PHE B 185 -19.20 -26.67 2.50
C PHE B 185 -19.40 -26.04 1.19
N GLY B 186 -19.91 -24.84 1.13
CA GLY B 186 -20.20 -24.21 -0.16
C GLY B 186 -19.13 -23.21 -0.60
N TYR B 187 -19.60 -22.07 -1.13
CA TYR B 187 -18.80 -20.82 -1.30
C TYR B 187 -18.09 -20.36 -0.05
N ALA B 188 -17.16 -19.44 -0.22
CA ALA B 188 -16.37 -18.96 0.96
C ALA B 188 -17.09 -17.91 1.89
N ASP B 189 -17.89 -17.05 1.26
CA ASP B 189 -18.89 -16.22 1.91
C ASP B 189 -19.24 -16.63 3.27
N ARG B 190 -19.89 -17.75 3.42
CA ARG B 190 -20.48 -18.08 4.69
C ARG B 190 -19.44 -18.41 5.63
N ILE B 191 -18.30 -18.87 5.14
CA ILE B 191 -17.26 -19.12 6.12
C ILE B 191 -16.60 -17.78 6.67
N GLN B 192 -16.16 -16.95 5.72
CA GLN B 192 -15.53 -15.62 6.01
C GLN B 192 -16.33 -14.94 7.10
N GLU B 193 -17.63 -14.72 6.84
CA GLU B 193 -18.56 -14.19 7.83
C GLU B 193 -18.42 -14.75 9.27
N ILE B 194 -18.11 -16.01 9.46
CA ILE B 194 -17.97 -16.46 10.79
C ILE B 194 -16.55 -16.08 11.24
N HIS B 195 -15.58 -16.13 10.28
CA HIS B 195 -14.15 -15.95 10.69
C HIS B 195 -13.96 -14.52 11.35
N ILE B 196 -14.58 -13.56 10.70
CA ILE B 196 -14.55 -12.29 11.15
C ILE B 196 -15.14 -12.21 12.52
N LYS B 197 -16.26 -12.93 12.78
CA LYS B 197 -16.85 -12.99 14.18
C LYS B 197 -15.88 -13.59 15.12
N VAL B 198 -15.22 -14.65 14.72
CA VAL B 198 -14.26 -15.19 15.64
C VAL B 198 -13.14 -14.12 16.04
N ILE B 199 -12.73 -13.34 15.01
CA ILE B 199 -11.63 -12.49 15.11
C ILE B 199 -12.05 -11.50 16.12
N HIS B 200 -13.22 -10.93 15.94
CA HIS B 200 -13.78 -10.08 17.01
C HIS B 200 -13.71 -10.68 18.37
N ILE B 201 -14.29 -11.89 18.54
CA ILE B 201 -14.28 -12.56 19.86
C ILE B 201 -12.82 -12.71 20.37
N LEU B 202 -11.92 -13.07 19.51
CA LEU B 202 -10.58 -13.33 20.00
C LEU B 202 -9.98 -12.05 20.67
N ILE B 203 -10.20 -10.87 20.03
CA ILE B 203 -9.63 -9.64 20.51
C ILE B 203 -10.20 -9.36 21.93
N GLN B 204 -11.50 -9.57 22.14
CA GLN B 204 -12.12 -9.52 23.45
C GLN B 204 -11.37 -10.48 24.34
N LEU B 205 -11.31 -11.75 24.00
CA LEU B 205 -10.72 -12.62 24.94
C LEU B 205 -9.26 -12.20 25.34
N ILE B 206 -8.54 -11.77 24.27
CA ILE B 206 -7.10 -11.49 24.35
C ILE B 206 -7.01 -10.33 25.36
N GLU B 207 -7.92 -9.39 25.21
CA GLU B 207 -8.03 -8.28 26.10
C GLU B 207 -8.07 -8.70 27.58
N LYS B 208 -8.99 -9.60 27.91
CA LYS B 208 -9.26 -9.99 29.28
C LYS B 208 -8.11 -10.78 29.74
N GLU B 209 -7.37 -11.33 28.83
CA GLU B 209 -6.16 -12.01 29.26
C GLU B 209 -4.93 -11.09 29.63
N MET B 210 -4.89 -9.97 28.97
CA MET B 210 -3.77 -9.16 29.06
C MET B 210 -3.97 -8.44 30.37
N VAL B 211 -5.18 -7.93 30.60
CA VAL B 211 -5.49 -7.11 31.80
C VAL B 211 -5.44 -7.96 33.03
N LYS B 212 -4.89 -9.14 32.90
CA LYS B 212 -5.02 -10.18 33.94
C LYS B 212 -3.59 -10.48 34.44
N MET C 21 -11.72 -19.47 31.62
CA MET C 21 -12.76 -20.23 30.86
C MET C 21 -13.80 -19.19 30.41
N TYR C 22 -13.80 -18.91 29.10
CA TYR C 22 -14.69 -17.91 28.57
C TYR C 22 -15.83 -18.56 27.79
N GLN C 23 -16.24 -19.72 28.26
CA GLN C 23 -17.15 -20.52 27.50
C GLN C 23 -18.41 -19.77 27.33
N ASP C 24 -18.76 -19.06 28.40
CA ASP C 24 -20.02 -18.35 28.36
C ASP C 24 -19.94 -17.15 27.48
N LEU C 25 -18.92 -16.36 27.76
CA LEU C 25 -18.69 -15.15 27.06
C LEU C 25 -18.74 -15.32 25.57
N ILE C 26 -17.95 -16.31 25.03
CA ILE C 26 -18.00 -16.72 23.63
C ILE C 26 -19.45 -16.96 23.09
N ARG C 27 -20.18 -17.89 23.74
CA ARG C 27 -21.53 -18.31 23.30
C ARG C 27 -22.29 -17.04 23.38
N ASN C 28 -21.91 -16.27 24.38
CA ASN C 28 -22.62 -15.03 24.55
C ASN C 28 -22.62 -14.08 23.33
N GLU C 29 -21.42 -13.81 22.84
CA GLU C 29 -21.18 -12.98 21.67
C GLU C 29 -21.78 -13.56 20.42
N LEU C 30 -21.61 -14.88 20.29
CA LEU C 30 -22.22 -15.64 19.15
C LEU C 30 -23.74 -15.50 19.15
N ASN C 31 -24.30 -15.51 20.39
CA ASN C 31 -25.79 -15.29 20.52
C ASN C 31 -26.22 -13.93 20.02
N GLU C 32 -25.52 -12.93 20.57
CA GLU C 32 -25.69 -11.57 20.12
C GLU C 32 -25.67 -11.49 18.65
N ALA C 33 -24.72 -12.18 17.99
CA ALA C 33 -24.75 -12.18 16.50
C ALA C 33 -26.01 -12.71 15.86
N ALA C 34 -26.36 -14.00 16.18
CA ALA C 34 -27.64 -14.68 15.77
C ALA C 34 -28.83 -13.75 15.91
N GLU C 35 -28.90 -13.10 17.12
CA GLU C 35 -29.96 -12.11 17.39
C GLU C 35 -30.00 -10.99 16.40
N THR C 36 -28.88 -10.25 16.24
CA THR C 36 -28.72 -9.12 15.23
C THR C 36 -29.12 -9.50 13.81
N LEU C 37 -28.78 -10.78 13.53
CA LEU C 37 -28.92 -11.27 12.15
C LEU C 37 -30.40 -11.48 12.04
N ALA C 38 -30.89 -12.14 13.14
CA ALA C 38 -32.33 -12.43 13.42
C ALA C 38 -33.10 -11.14 13.23
N ASN C 39 -32.76 -10.11 14.03
CA ASN C 39 -33.54 -8.89 13.94
C ASN C 39 -33.34 -8.19 12.61
N PHE C 40 -32.20 -8.42 11.94
CA PHE C 40 -31.90 -7.67 10.76
C PHE C 40 -32.83 -8.16 9.65
N LEU C 41 -32.83 -9.47 9.64
CA LEU C 41 -33.56 -10.32 8.75
C LEU C 41 -35.14 -10.18 8.80
N LYS C 42 -35.76 -10.14 10.03
CA LYS C 42 -37.22 -9.89 10.18
C LYS C 42 -37.64 -8.59 9.52
N ASP C 43 -37.04 -7.48 9.87
CA ASP C 43 -37.49 -6.19 9.24
C ASP C 43 -37.45 -6.20 7.69
N ASP C 44 -38.58 -6.29 6.97
CA ASP C 44 -38.65 -6.28 5.47
C ASP C 44 -38.11 -5.09 4.75
N ALA C 45 -38.08 -3.96 5.45
CA ALA C 45 -37.47 -2.73 4.87
C ALA C 45 -35.91 -2.97 4.60
N ASN C 46 -35.20 -3.56 5.56
CA ASN C 46 -33.88 -3.98 5.34
C ASN C 46 -33.71 -4.71 4.03
N ILE C 47 -34.63 -5.62 3.74
CA ILE C 47 -34.41 -6.53 2.63
C ILE C 47 -34.65 -5.72 1.37
N HIS C 48 -35.45 -4.69 1.42
CA HIS C 48 -35.78 -4.12 0.14
C HIS C 48 -34.64 -3.22 -0.19
N ALA C 49 -34.11 -2.62 0.88
CA ALA C 49 -32.99 -1.69 0.75
C ALA C 49 -31.84 -2.37 0.01
N ILE C 50 -31.46 -3.54 0.55
CA ILE C 50 -30.53 -4.37 -0.12
C ILE C 50 -30.89 -4.49 -1.58
N GLN C 51 -32.11 -4.90 -1.86
CA GLN C 51 -32.44 -5.08 -3.22
C GLN C 51 -32.32 -3.82 -4.11
N ARG C 52 -32.84 -2.70 -3.62
CA ARG C 52 -32.76 -1.49 -4.39
C ARG C 52 -31.34 -1.06 -4.69
N ALA C 53 -30.48 -1.13 -3.65
CA ALA C 53 -29.04 -0.89 -3.77
C ALA C 53 -28.34 -1.72 -4.89
N ALA C 54 -28.38 -3.04 -4.79
CA ALA C 54 -27.83 -3.84 -5.89
C ALA C 54 -28.44 -3.43 -7.22
N VAL C 55 -29.70 -3.07 -7.25
CA VAL C 55 -30.23 -2.58 -8.53
C VAL C 55 -29.56 -1.32 -9.03
N LEU C 56 -29.39 -0.39 -8.09
CA LEU C 56 -28.79 0.93 -8.40
C LEU C 56 -27.35 0.78 -8.83
N LEU C 57 -26.61 -0.07 -8.12
CA LEU C 57 -25.22 -0.29 -8.41
C LEU C 57 -25.14 -0.78 -9.81
N ALA C 58 -25.88 -1.86 -10.04
CA ALA C 58 -25.85 -2.49 -11.40
C ALA C 58 -26.29 -1.58 -12.53
N ASP C 59 -27.27 -0.70 -12.31
CA ASP C 59 -27.65 0.25 -13.35
C ASP C 59 -26.56 1.24 -13.60
N SER C 60 -25.78 1.61 -12.59
CA SER C 60 -24.74 2.61 -12.88
C SER C 60 -23.69 1.94 -13.73
N PHE C 61 -23.42 0.65 -13.47
CA PHE C 61 -22.37 0.05 -14.27
C PHE C 61 -22.80 0.04 -15.69
N LYS C 62 -24.02 -0.42 -15.94
CA LYS C 62 -24.56 -0.46 -17.31
C LYS C 62 -24.39 0.90 -17.89
N ALA C 63 -24.66 2.00 -17.14
CA ALA C 63 -24.58 3.42 -17.71
C ALA C 63 -23.15 3.92 -17.77
N GLY C 64 -22.24 3.01 -17.50
CA GLY C 64 -20.87 3.35 -17.64
C GLY C 64 -20.30 3.98 -16.38
N GLY C 65 -21.03 3.85 -15.26
CA GLY C 65 -20.57 4.56 -14.07
C GLY C 65 -19.75 3.65 -13.20
N LYS C 66 -18.96 4.16 -12.23
CA LYS C 66 -18.35 3.34 -11.22
C LYS C 66 -18.83 3.64 -9.78
N VAL C 67 -18.48 2.80 -8.86
CA VAL C 67 -18.90 3.04 -7.54
C VAL C 67 -17.61 3.27 -6.72
N LEU C 68 -17.62 4.26 -5.82
CA LEU C 68 -16.44 4.48 -4.92
C LEU C 68 -16.89 4.05 -3.54
N SER C 69 -16.11 3.28 -2.84
CA SER C 69 -16.54 2.86 -1.65
C SER C 69 -15.50 3.24 -0.61
N CYS C 70 -15.85 3.23 0.69
CA CYS C 70 -15.00 3.80 1.80
C CYS C 70 -15.63 3.46 3.11
N GLY C 71 -14.81 3.38 4.15
CA GLY C 71 -15.24 2.83 5.40
C GLY C 71 -14.10 3.08 6.41
N ASN C 72 -14.33 3.27 7.75
CA ASN C 72 -13.18 3.36 8.60
C ASN C 72 -12.86 2.09 9.31
N GLY C 73 -11.72 1.97 9.96
CA GLY C 73 -11.37 0.72 10.71
C GLY C 73 -11.89 -0.57 10.07
N GLY C 74 -12.52 -1.46 10.84
CA GLY C 74 -12.96 -2.73 10.29
C GLY C 74 -13.73 -2.48 8.98
N SER C 75 -14.29 -1.31 8.80
CA SER C 75 -15.17 -1.20 7.66
C SER C 75 -14.46 -0.87 6.41
N HIS C 76 -13.20 -0.52 6.53
CA HIS C 76 -12.46 -0.23 5.32
C HIS C 76 -12.25 -1.56 4.58
N CYS C 77 -11.99 -2.62 5.35
CA CYS C 77 -11.94 -3.90 4.84
C CYS C 77 -13.14 -4.33 4.02
N ASP C 78 -14.31 -4.34 4.60
CA ASP C 78 -15.48 -4.40 3.82
C ASP C 78 -15.42 -3.60 2.58
N ALA C 79 -14.81 -2.44 2.59
CA ALA C 79 -15.00 -1.56 1.39
C ALA C 79 -14.05 -1.93 0.18
N MET C 80 -12.94 -2.55 0.56
CA MET C 80 -12.02 -3.12 -0.36
C MET C 80 -12.59 -4.39 -0.86
N HIS C 81 -13.10 -5.32 0.00
CA HIS C 81 -13.79 -6.47 -0.59
C HIS C 81 -14.91 -6.25 -1.54
N PHE C 82 -15.67 -5.22 -1.25
CA PHE C 82 -16.72 -4.86 -2.10
C PHE C 82 -16.08 -4.52 -3.41
N ALA C 83 -15.11 -3.58 -3.45
CA ALA C 83 -14.67 -3.08 -4.72
C ALA C 83 -13.84 -4.12 -5.52
N GLU C 84 -12.97 -4.80 -4.80
CA GLU C 84 -12.17 -5.78 -5.42
C GLU C 84 -13.02 -6.88 -6.05
N GLU C 85 -14.05 -7.39 -5.34
CA GLU C 85 -14.91 -8.41 -5.96
C GLU C 85 -15.53 -8.00 -7.27
N LEU C 86 -15.96 -6.75 -7.38
CA LEU C 86 -16.65 -6.35 -8.52
C LEU C 86 -15.72 -6.01 -9.65
N THR C 87 -14.54 -5.51 -9.31
CA THR C 87 -13.63 -5.04 -10.34
C THR C 87 -13.07 -6.33 -10.90
N GLY C 88 -12.94 -7.33 -10.05
CA GLY C 88 -12.54 -8.73 -10.43
C GLY C 88 -13.49 -9.30 -11.47
N ARG C 89 -14.79 -9.05 -11.35
CA ARG C 89 -15.78 -9.56 -12.32
C ARG C 89 -16.07 -8.73 -13.54
N TYR C 90 -16.11 -7.40 -13.45
CA TYR C 90 -16.59 -6.59 -14.58
C TYR C 90 -15.53 -5.80 -15.30
N ARG C 91 -14.26 -5.96 -14.93
CA ARG C 91 -13.18 -5.29 -15.65
C ARG C 91 -13.27 -5.61 -17.16
N GLU C 92 -13.29 -6.91 -17.47
CA GLU C 92 -13.33 -7.38 -18.83
C GLU C 92 -14.22 -6.61 -19.84
N ASN C 93 -13.58 -6.16 -20.92
CA ASN C 93 -14.24 -5.42 -22.00
C ASN C 93 -15.08 -4.28 -21.48
N ARG C 94 -14.60 -3.66 -20.40
CA ARG C 94 -15.19 -2.37 -19.96
C ARG C 94 -14.01 -1.47 -19.70
N PRO C 95 -14.12 -0.18 -20.04
CA PRO C 95 -13.03 0.70 -19.74
C PRO C 95 -13.05 0.96 -18.23
N GLY C 96 -11.93 1.53 -17.78
CA GLY C 96 -11.75 1.99 -16.43
C GLY C 96 -11.94 0.88 -15.42
N TYR C 97 -12.52 1.19 -14.27
CA TYR C 97 -12.73 0.19 -13.24
C TYR C 97 -14.19 0.36 -12.84
N PRO C 98 -14.85 -0.69 -12.45
CA PRO C 98 -16.23 -0.51 -11.97
C PRO C 98 -16.28 -0.04 -10.49
N ALA C 99 -15.32 -0.47 -9.71
CA ALA C 99 -15.33 -0.19 -8.32
C ALA C 99 -13.94 0.28 -7.82
N ILE C 100 -13.86 1.41 -7.13
CA ILE C 100 -12.63 1.75 -6.40
C ILE C 100 -12.78 2.01 -4.83
N ALA C 101 -12.04 1.34 -3.97
CA ALA C 101 -12.02 1.58 -2.58
C ALA C 101 -11.04 2.71 -2.25
N ILE C 102 -11.55 3.77 -1.60
CA ILE C 102 -10.74 4.95 -1.36
C ILE C 102 -9.65 4.82 -0.26
N SER C 103 -8.36 4.71 -0.58
CA SER C 103 -7.24 5.01 0.37
C SER C 103 -7.21 4.32 1.82
N ASN C 118 -9.75 13.41 7.54
CA ASN C 118 -11.10 13.97 7.45
C ASN C 118 -11.57 14.29 6.07
N ASP C 119 -10.69 14.85 5.27
CA ASP C 119 -11.07 15.13 3.87
C ASP C 119 -10.47 13.99 2.91
N ILE C 120 -9.98 12.94 3.55
CA ILE C 120 -9.44 11.76 2.90
C ILE C 120 -10.42 11.07 2.00
N PHE C 121 -11.71 11.01 2.31
CA PHE C 121 -12.60 10.34 1.45
C PHE C 121 -13.07 11.39 0.51
N SER C 122 -13.36 12.62 0.95
CA SER C 122 -13.97 13.62 0.03
C SER C 122 -13.13 14.09 -1.13
N ARG C 123 -11.88 14.33 -0.84
CA ARG C 123 -10.99 14.93 -1.85
C ARG C 123 -10.91 13.93 -3.00
N TYR C 124 -10.76 12.64 -2.67
CA TYR C 124 -10.90 11.52 -3.66
C TYR C 124 -12.19 11.57 -4.40
N VAL C 125 -13.35 11.67 -3.77
CA VAL C 125 -14.58 11.82 -4.55
C VAL C 125 -14.45 13.06 -5.39
N GLU C 126 -13.83 14.13 -4.89
CA GLU C 126 -13.77 15.31 -5.76
C GLU C 126 -12.85 15.10 -6.96
N ALA C 127 -11.78 14.29 -6.70
CA ALA C 127 -10.66 14.11 -7.62
C ALA C 127 -11.16 13.25 -8.80
N VAL C 128 -12.00 12.29 -8.49
CA VAL C 128 -12.44 11.34 -9.51
C VAL C 128 -13.98 11.14 -9.75
N GLY C 129 -14.86 11.61 -8.86
CA GLY C 129 -16.25 11.19 -8.94
C GLY C 129 -16.82 11.80 -10.15
N ARG C 130 -17.73 11.09 -10.87
CA ARG C 130 -18.38 11.61 -12.09
C ARG C 130 -19.83 11.45 -11.84
N GLU C 131 -20.62 12.39 -12.44
CA GLU C 131 -22.07 12.35 -12.39
C GLU C 131 -22.41 10.95 -12.84
N GLY C 132 -23.21 10.28 -12.03
CA GLY C 132 -23.67 8.97 -12.40
C GLY C 132 -23.06 7.88 -11.61
N ASP C 133 -21.92 8.19 -10.97
CA ASP C 133 -21.10 7.22 -10.20
C ASP C 133 -21.78 7.12 -8.86
N VAL C 134 -21.39 6.23 -7.96
CA VAL C 134 -22.11 6.07 -6.78
C VAL C 134 -21.06 6.10 -5.63
N LEU C 135 -21.51 6.43 -4.38
CA LEU C 135 -20.59 6.45 -3.32
C LEU C 135 -21.19 5.49 -2.38
N LEU C 136 -20.43 4.64 -1.77
CA LEU C 136 -21.01 3.67 -0.94
C LEU C 136 -20.19 3.97 0.30
N GLY C 137 -20.82 4.64 1.30
CA GLY C 137 -20.12 4.96 2.55
C GLY C 137 -20.48 4.07 3.65
N ILE C 138 -19.51 3.55 4.37
CA ILE C 138 -19.83 2.64 5.46
C ILE C 138 -19.47 3.25 6.80
N SER C 139 -20.41 3.26 7.79
CA SER C 139 -20.09 3.73 9.13
C SER C 139 -20.97 3.04 10.14
N THR C 140 -20.43 2.19 10.98
CA THR C 140 -21.21 1.44 11.83
C THR C 140 -21.90 2.36 12.79
N SER C 141 -21.37 3.59 12.97
CA SER C 141 -22.02 4.54 13.91
C SER C 141 -22.95 5.52 13.19
N GLY C 142 -22.53 6.03 12.07
CA GLY C 142 -23.38 6.95 11.27
C GLY C 142 -22.74 8.32 11.47
N ASN C 143 -21.75 8.34 12.30
CA ASN C 143 -21.18 9.65 12.64
C ASN C 143 -19.72 9.98 12.28
N SER C 144 -19.11 9.07 11.53
CA SER C 144 -17.85 9.34 10.87
C SER C 144 -17.83 10.67 10.13
N ALA C 145 -16.87 11.47 10.53
CA ALA C 145 -16.75 12.74 9.83
C ALA C 145 -16.36 12.65 8.34
N ASN C 146 -15.30 11.86 8.00
CA ASN C 146 -14.92 11.58 6.62
C ASN C 146 -16.04 11.03 5.75
N VAL C 147 -16.81 10.00 6.20
CA VAL C 147 -17.91 9.67 5.32
C VAL C 147 -18.94 10.78 5.09
N ILE C 148 -19.18 11.55 6.16
CA ILE C 148 -20.11 12.62 6.03
C ILE C 148 -19.64 13.59 5.00
N LYS C 149 -18.36 13.99 5.02
CA LYS C 149 -17.90 14.91 3.98
C LYS C 149 -17.95 14.32 2.58
N ALA C 150 -17.52 13.04 2.52
CA ALA C 150 -17.60 12.24 1.28
C ALA C 150 -19.02 12.21 0.62
N ILE C 151 -20.03 11.99 1.45
CA ILE C 151 -21.37 12.08 0.93
C ILE C 151 -21.64 13.49 0.41
N ALA C 152 -21.07 14.51 1.06
CA ALA C 152 -21.29 15.86 0.52
C ALA C 152 -20.55 16.10 -0.76
N ALA C 153 -19.28 15.69 -0.82
CA ALA C 153 -18.62 15.65 -2.16
C ALA C 153 -19.52 14.88 -3.20
N ALA C 154 -20.05 13.70 -2.80
CA ALA C 154 -20.83 12.86 -3.68
C ALA C 154 -21.98 13.72 -4.28
N ARG C 155 -22.68 14.42 -3.38
CA ARG C 155 -23.81 15.29 -3.83
C ARG C 155 -23.32 16.31 -4.83
N GLU C 156 -22.21 16.97 -4.45
CA GLU C 156 -21.70 18.05 -5.28
C GLU C 156 -21.42 17.53 -6.71
N LYS C 157 -20.96 16.29 -6.84
CA LYS C 157 -20.65 15.74 -8.13
C LYS C 157 -21.89 15.04 -8.79
N GLY C 158 -23.05 15.11 -8.20
CA GLY C 158 -24.18 14.53 -8.89
C GLY C 158 -24.17 13.00 -8.84
N MET C 159 -23.77 12.47 -7.68
CA MET C 159 -23.48 11.03 -7.47
C MET C 159 -24.56 10.51 -6.55
N LYS C 160 -24.96 9.25 -6.69
CA LYS C 160 -25.98 8.72 -5.81
C LYS C 160 -25.23 8.17 -4.66
N VAL C 161 -25.91 8.07 -3.51
CA VAL C 161 -25.18 7.67 -2.31
C VAL C 161 -25.88 6.55 -1.61
N ILE C 162 -25.14 5.55 -1.14
CA ILE C 162 -25.70 4.40 -0.53
C ILE C 162 -24.82 4.25 0.68
N THR C 163 -25.41 4.02 1.86
CA THR C 163 -24.69 3.84 3.06
C THR C 163 -25.06 2.53 3.79
N LEU C 164 -24.14 1.99 4.57
CA LEU C 164 -24.40 0.87 5.38
C LEU C 164 -24.06 1.30 6.75
N THR C 165 -25.12 1.47 7.52
CA THR C 165 -25.03 2.07 8.85
C THR C 165 -25.54 1.09 9.89
N GLY C 166 -25.62 1.53 11.13
CA GLY C 166 -26.01 0.73 12.27
C GLY C 166 -26.54 1.69 13.34
N LYS C 167 -27.06 1.15 14.47
CA LYS C 167 -27.72 2.01 15.50
C LYS C 167 -28.92 2.83 14.91
N ASP C 168 -29.00 4.11 15.29
CA ASP C 168 -30.04 5.00 14.80
C ASP C 168 -29.74 5.60 13.51
N GLY C 169 -28.50 5.53 13.15
CA GLY C 169 -28.15 6.20 11.89
C GLY C 169 -27.22 7.39 12.04
N GLY C 170 -26.79 7.72 13.28
CA GLY C 170 -26.17 9.03 13.60
C GLY C 170 -26.41 10.24 12.66
N LYS C 171 -25.54 11.25 12.71
CA LYS C 171 -25.67 12.46 11.80
C LYS C 171 -25.88 12.14 10.30
N MET C 172 -25.66 10.91 9.97
CA MET C 172 -25.74 10.52 8.57
C MET C 172 -27.18 10.37 8.15
N ALA C 173 -27.98 9.94 9.14
CA ALA C 173 -29.42 9.56 8.93
C ALA C 173 -30.13 10.39 7.89
N GLY C 174 -30.74 9.73 6.92
CA GLY C 174 -31.47 10.57 5.93
C GLY C 174 -30.65 11.29 4.85
N THR C 175 -29.30 11.25 4.85
CA THR C 175 -28.54 11.93 3.74
C THR C 175 -28.27 11.02 2.49
N ALA C 176 -28.37 9.71 2.73
CA ALA C 176 -28.17 8.66 1.68
C ALA C 176 -29.34 8.58 0.79
N ASP C 177 -29.21 8.26 -0.51
CA ASP C 177 -30.36 7.73 -1.33
C ASP C 177 -30.83 6.26 -0.95
N ILE C 178 -30.02 5.42 -0.26
CA ILE C 178 -30.44 4.13 0.22
C ILE C 178 -29.62 3.81 1.41
N GLU C 179 -30.25 3.79 2.57
CA GLU C 179 -29.53 3.41 3.76
C GLU C 179 -29.88 1.94 4.20
N ILE C 180 -28.89 1.08 4.52
CA ILE C 180 -29.17 -0.23 4.91
C ILE C 180 -28.72 -0.11 6.31
N ARG C 181 -29.66 0.00 7.25
CA ARG C 181 -29.34 0.27 8.64
C ARG C 181 -29.49 -0.99 9.49
N VAL C 182 -28.46 -1.30 10.27
CA VAL C 182 -28.47 -2.47 11.13
C VAL C 182 -28.88 -2.11 12.56
N PRO C 183 -29.95 -2.72 13.05
CA PRO C 183 -30.55 -2.34 14.33
C PRO C 183 -29.78 -2.93 15.51
N HIS C 184 -28.50 -2.59 15.62
CA HIS C 184 -27.77 -2.76 16.87
C HIS C 184 -27.37 -1.41 17.47
N PHE C 185 -27.28 -1.37 18.80
CA PHE C 185 -26.98 -0.17 19.48
C PHE C 185 -25.80 -0.24 20.34
N GLY C 186 -25.09 -1.35 20.28
CA GLY C 186 -23.80 -1.49 21.08
C GLY C 186 -22.48 -1.26 20.30
N TYR C 187 -21.51 -2.16 20.58
CA TYR C 187 -20.18 -2.02 19.98
C TYR C 187 -20.32 -2.18 18.46
N ALA C 188 -19.46 -1.59 17.64
CA ALA C 188 -19.54 -1.82 16.18
C ALA C 188 -19.52 -3.32 15.68
N ASP C 189 -18.81 -4.21 16.37
CA ASP C 189 -18.71 -5.58 16.05
C ASP C 189 -19.95 -6.20 15.36
N ARG C 190 -21.10 -6.08 16.02
CA ARG C 190 -22.29 -6.82 15.59
C ARG C 190 -22.73 -6.22 14.32
N ILE C 191 -22.37 -4.96 14.06
CA ILE C 191 -22.88 -4.32 12.84
C ILE C 191 -21.94 -4.69 11.68
N GLN C 192 -20.64 -4.78 11.99
CA GLN C 192 -19.80 -4.99 10.87
C GLN C 192 -20.11 -6.34 10.24
N GLU C 193 -20.26 -7.30 11.13
CA GLU C 193 -20.71 -8.62 10.80
C GLU C 193 -21.91 -8.63 9.83
N ILE C 194 -22.81 -7.68 9.88
CA ILE C 194 -23.93 -7.86 9.12
C ILE C 194 -23.55 -7.23 7.84
N HIS C 195 -22.84 -6.13 8.07
CA HIS C 195 -22.45 -5.32 6.93
C HIS C 195 -21.76 -6.17 5.80
N ILE C 196 -20.82 -7.01 6.17
CA ILE C 196 -20.19 -7.92 5.33
C ILE C 196 -21.10 -8.88 4.63
N LYS C 197 -22.07 -9.50 5.35
CA LYS C 197 -23.15 -10.37 4.70
C LYS C 197 -23.84 -9.52 3.73
N VAL C 198 -24.15 -8.29 4.04
CA VAL C 198 -24.84 -7.48 3.04
C VAL C 198 -23.99 -7.33 1.79
N ILE C 199 -22.69 -7.34 1.99
CA ILE C 199 -21.91 -6.91 0.86
C ILE C 199 -21.88 -8.11 -0.06
N HIS C 200 -21.64 -9.26 0.62
CA HIS C 200 -21.78 -10.64 -0.03
C HIS C 200 -23.01 -10.79 -0.90
N ILE C 201 -24.18 -10.43 -0.34
CA ILE C 201 -25.47 -10.64 -0.97
C ILE C 201 -25.55 -9.71 -2.10
N LEU C 202 -24.95 -8.53 -1.93
CA LEU C 202 -25.05 -7.50 -2.93
C LEU C 202 -24.30 -7.86 -4.16
N ILE C 203 -23.19 -8.55 -4.01
CA ILE C 203 -22.37 -8.93 -5.16
C ILE C 203 -23.18 -9.90 -6.02
N GLN C 204 -23.73 -10.94 -5.36
CA GLN C 204 -24.71 -11.88 -6.02
C GLN C 204 -25.82 -11.19 -6.84
N LEU C 205 -26.59 -10.31 -6.16
CA LEU C 205 -27.67 -9.60 -6.87
C LEU C 205 -27.09 -8.82 -7.97
N ILE C 206 -26.00 -8.15 -7.70
CA ILE C 206 -25.35 -7.39 -8.82
C ILE C 206 -25.05 -8.35 -9.98
N GLU C 207 -24.66 -9.58 -9.62
CA GLU C 207 -24.28 -10.63 -10.59
C GLU C 207 -25.45 -10.96 -11.51
N LYS C 208 -26.60 -11.28 -10.91
CA LYS C 208 -27.77 -11.61 -11.66
C LYS C 208 -28.25 -10.43 -12.43
N GLU C 209 -27.90 -9.24 -12.03
CA GLU C 209 -28.48 -8.08 -12.70
C GLU C 209 -27.66 -7.78 -13.97
N MET C 210 -26.43 -8.22 -13.89
CA MET C 210 -25.57 -7.77 -14.89
C MET C 210 -25.79 -8.69 -16.06
N VAL C 211 -25.90 -10.00 -15.78
CA VAL C 211 -26.05 -11.02 -16.79
C VAL C 211 -27.49 -11.08 -17.23
N LYS C 212 -28.19 -9.96 -17.23
CA LYS C 212 -29.62 -9.97 -17.55
C LYS C 212 -29.86 -8.97 -18.70
N MET D 21 38.36 -4.63 -4.86
CA MET D 21 38.67 -3.17 -5.18
C MET D 21 37.99 -2.59 -6.49
N TYR D 22 36.89 -1.84 -6.32
CA TYR D 22 36.13 -1.28 -7.43
C TYR D 22 36.30 0.25 -7.62
N GLN D 23 37.38 0.82 -7.06
CA GLN D 23 37.62 2.26 -7.05
C GLN D 23 37.43 2.82 -8.45
N ASP D 24 37.79 2.00 -9.44
CA ASP D 24 37.63 2.48 -10.83
C ASP D 24 36.18 2.45 -11.24
N LEU D 25 35.60 1.27 -11.10
CA LEU D 25 34.18 1.07 -11.45
C LEU D 25 33.27 2.21 -10.96
N ILE D 26 33.41 2.55 -9.66
CA ILE D 26 32.73 3.68 -9.02
C ILE D 26 32.91 5.01 -9.78
N ARG D 27 34.18 5.34 -10.01
CA ARG D 27 34.51 6.66 -10.50
C ARG D 27 33.89 6.64 -11.86
N ASN D 28 33.89 5.42 -12.39
CA ASN D 28 33.45 5.28 -13.73
C ASN D 28 32.02 5.72 -13.94
N GLU D 29 31.17 5.14 -13.09
CA GLU D 29 29.74 5.42 -13.08
C GLU D 29 29.48 6.93 -12.80
N LEU D 30 30.15 7.43 -11.74
CA LEU D 30 29.98 8.86 -11.33
C LEU D 30 30.26 9.75 -12.55
N ASN D 31 31.20 9.29 -13.41
CA ASN D 31 31.64 10.09 -14.60
C ASN D 31 30.54 10.08 -15.62
N GLU D 32 30.02 8.84 -15.79
CA GLU D 32 28.93 8.66 -16.72
C GLU D 32 27.79 9.59 -16.36
N ALA D 33 27.55 9.69 -15.04
CA ALA D 33 26.54 10.64 -14.58
C ALA D 33 26.87 12.05 -14.96
N ALA D 34 28.01 12.54 -14.44
CA ALA D 34 28.50 13.84 -14.84
C ALA D 34 28.44 14.10 -16.38
N GLU D 35 28.88 13.09 -17.18
CA GLU D 35 28.71 13.27 -18.62
C GLU D 35 27.21 13.57 -19.02
N THR D 36 26.34 12.69 -18.48
CA THR D 36 24.96 12.61 -18.97
C THR D 36 24.23 13.96 -18.66
N LEU D 37 24.52 14.38 -17.42
CA LEU D 37 24.05 15.69 -16.93
C LEU D 37 24.54 16.81 -17.85
N ALA D 38 25.88 16.84 -17.97
CA ALA D 38 26.56 17.64 -19.04
C ALA D 38 25.81 17.63 -20.39
N ASN D 39 25.69 16.43 -21.02
CA ASN D 39 25.03 16.38 -22.33
C ASN D 39 23.54 16.82 -22.26
N PHE D 40 22.84 16.41 -21.19
CA PHE D 40 21.44 16.84 -20.98
C PHE D 40 21.36 18.37 -20.95
N LEU D 41 22.33 18.93 -20.23
CA LEU D 41 22.36 20.31 -19.87
C LEU D 41 22.59 21.27 -21.05
N LYS D 42 23.53 20.85 -21.94
CA LYS D 42 23.96 21.63 -23.12
C LYS D 42 22.78 21.86 -23.99
N ASP D 43 22.07 20.78 -24.34
CA ASP D 43 20.92 20.88 -25.30
C ASP D 43 19.88 21.94 -24.87
N ASP D 44 19.73 23.03 -25.61
CA ASP D 44 18.70 24.07 -25.24
C ASP D 44 17.30 23.57 -25.20
N ALA D 45 16.95 22.78 -26.22
CA ALA D 45 15.62 22.13 -26.30
C ALA D 45 15.16 21.40 -24.94
N ASN D 46 16.03 20.54 -24.38
CA ASN D 46 15.85 20.03 -23.08
C ASN D 46 15.36 21.12 -22.13
N ILE D 47 16.02 22.26 -22.09
CA ILE D 47 15.74 23.27 -21.10
C ILE D 47 14.39 23.89 -21.41
N HIS D 48 14.01 23.94 -22.67
CA HIS D 48 12.71 24.57 -22.91
C HIS D 48 11.58 23.63 -22.64
N ALA D 49 11.84 22.33 -22.83
CA ALA D 49 10.84 21.30 -22.57
C ALA D 49 10.50 21.36 -21.08
N ILE D 50 11.55 21.29 -20.25
CA ILE D 50 11.37 21.42 -18.86
C ILE D 50 10.46 22.57 -18.65
N GLN D 51 10.76 23.70 -19.26
CA GLN D 51 10.02 24.89 -18.82
C GLN D 51 8.59 24.89 -19.28
N ARG D 52 8.41 24.54 -20.53
CA ARG D 52 7.05 24.32 -21.09
C ARG D 52 6.12 23.36 -20.28
N ALA D 53 6.68 22.24 -19.85
CA ALA D 53 6.06 21.29 -18.98
C ALA D 53 5.57 21.95 -17.69
N ALA D 54 6.46 22.53 -16.87
CA ALA D 54 6.03 23.21 -15.58
C ALA D 54 4.92 24.23 -15.88
N VAL D 55 5.01 24.94 -16.96
CA VAL D 55 3.94 25.88 -17.27
C VAL D 55 2.61 25.16 -17.57
N LEU D 56 2.69 24.16 -18.45
CA LEU D 56 1.52 23.34 -18.73
C LEU D 56 0.89 22.71 -17.47
N LEU D 57 1.74 22.22 -16.59
CA LEU D 57 1.24 21.57 -15.43
C LEU D 57 0.46 22.59 -14.56
N ALA D 58 1.16 23.69 -14.32
CA ALA D 58 0.63 24.86 -13.51
C ALA D 58 -0.71 25.38 -13.98
N ASP D 59 -0.81 25.66 -15.28
CA ASP D 59 -2.01 26.18 -15.88
C ASP D 59 -3.05 25.17 -15.62
N SER D 60 -2.72 23.90 -15.60
CA SER D 60 -3.80 22.94 -15.44
C SER D 60 -4.34 22.92 -14.05
N PHE D 61 -3.46 22.97 -13.07
CA PHE D 61 -3.97 23.15 -11.72
C PHE D 61 -4.90 24.41 -11.61
N LYS D 62 -4.43 25.51 -12.19
CA LYS D 62 -5.11 26.76 -12.17
C LYS D 62 -6.47 26.59 -12.70
N ALA D 63 -6.65 25.80 -13.76
CA ALA D 63 -8.00 25.49 -14.28
C ALA D 63 -8.75 24.33 -13.60
N GLY D 64 -8.38 24.09 -12.36
CA GLY D 64 -9.02 22.99 -11.66
C GLY D 64 -8.67 21.55 -12.08
N GLY D 65 -7.70 21.36 -12.98
CA GLY D 65 -7.34 20.01 -13.42
C GLY D 65 -6.28 19.39 -12.54
N LYS D 66 -6.02 18.08 -12.68
CA LYS D 66 -4.99 17.44 -11.90
C LYS D 66 -4.03 16.70 -12.84
N VAL D 67 -2.92 16.26 -12.28
CA VAL D 67 -2.01 15.58 -13.14
C VAL D 67 -2.07 14.11 -12.72
N LEU D 68 -2.08 13.14 -13.63
CA LEU D 68 -1.96 11.73 -13.13
C LEU D 68 -0.56 11.31 -13.50
N SER D 69 0.28 10.76 -12.63
CA SER D 69 1.53 10.39 -13.07
C SER D 69 1.72 8.93 -12.95
N CYS D 70 2.67 8.30 -13.68
CA CYS D 70 2.98 6.79 -13.54
C CYS D 70 4.31 6.50 -14.17
N GLY D 71 4.87 5.37 -13.83
CA GLY D 71 6.09 4.95 -14.38
C GLY D 71 6.49 3.51 -13.90
N ASN D 72 7.43 2.73 -14.55
CA ASN D 72 7.74 1.43 -14.06
C ASN D 72 8.99 1.31 -13.19
N GLY D 73 9.17 0.22 -12.46
CA GLY D 73 10.40 0.08 -11.67
C GLY D 73 10.86 1.34 -10.98
N GLY D 74 12.16 1.56 -10.98
CA GLY D 74 12.73 2.79 -10.38
C GLY D 74 11.93 4.07 -10.76
N SER D 75 11.25 4.03 -11.90
CA SER D 75 10.55 5.20 -12.32
C SER D 75 9.24 5.49 -11.61
N HIS D 76 8.65 4.46 -11.00
CA HIS D 76 7.42 4.62 -10.24
C HIS D 76 7.75 5.53 -9.08
N CYS D 77 8.91 5.28 -8.46
CA CYS D 77 9.32 6.16 -7.48
C CYS D 77 9.33 7.61 -7.86
N ASP D 78 9.76 7.93 -9.04
CA ASP D 78 9.71 9.32 -9.35
C ASP D 78 8.33 9.73 -9.48
N ALA D 79 7.42 8.84 -9.81
CA ALA D 79 6.11 9.38 -10.13
C ALA D 79 5.36 9.64 -8.87
N MET D 80 5.71 8.92 -7.86
CA MET D 80 5.22 9.18 -6.51
C MET D 80 5.80 10.41 -5.89
N HIS D 81 7.12 10.55 -5.88
CA HIS D 81 7.64 11.85 -5.36
C HIS D 81 7.04 13.09 -6.06
N PHE D 82 6.90 13.00 -7.38
CA PHE D 82 6.34 14.09 -8.10
C PHE D 82 4.99 14.36 -7.53
N ALA D 83 4.14 13.35 -7.39
CA ALA D 83 2.75 13.64 -6.99
C ALA D 83 2.59 14.06 -5.48
N GLU D 84 3.16 13.24 -4.60
CA GLU D 84 3.22 13.63 -3.24
C GLU D 84 3.64 15.07 -2.94
N GLU D 85 4.77 15.53 -3.49
CA GLU D 85 5.25 16.90 -3.34
C GLU D 85 4.26 17.90 -3.76
N LEU D 86 3.72 17.77 -4.95
CA LEU D 86 2.72 18.72 -5.33
C LEU D 86 1.43 18.71 -4.57
N THR D 87 0.94 17.53 -4.26
CA THR D 87 -0.30 17.42 -3.49
C THR D 87 -0.09 18.06 -2.08
N GLY D 88 1.02 17.71 -1.47
CA GLY D 88 1.35 18.31 -0.16
C GLY D 88 1.43 19.83 -0.15
N ARG D 89 1.65 20.46 -1.31
CA ARG D 89 1.69 21.93 -1.42
C ARG D 89 0.41 22.57 -1.89
N TYR D 90 -0.30 22.01 -2.88
CA TYR D 90 -1.54 22.65 -3.33
C TYR D 90 -2.88 22.10 -2.86
N ARG D 91 -2.89 21.28 -1.83
CA ARG D 91 -4.15 20.66 -1.42
C ARG D 91 -5.01 21.79 -0.80
N GLU D 92 -4.35 22.58 0.05
CA GLU D 92 -5.01 23.61 0.89
C GLU D 92 -5.95 24.58 0.16
N ASN D 93 -7.18 24.75 0.62
CA ASN D 93 -8.23 25.47 -0.17
C ASN D 93 -8.37 25.24 -1.65
N ARG D 94 -8.21 23.96 -2.02
CA ARG D 94 -8.46 23.47 -3.37
C ARG D 94 -9.15 22.09 -3.21
N PRO D 95 -10.18 21.84 -3.99
CA PRO D 95 -10.83 20.57 -3.99
C PRO D 95 -9.95 19.51 -4.64
N GLY D 96 -10.16 18.26 -4.16
CA GLY D 96 -9.67 17.10 -4.87
C GLY D 96 -8.17 17.02 -4.58
N TYR D 97 -7.40 16.63 -5.58
CA TYR D 97 -6.01 16.45 -5.39
C TYR D 97 -5.42 17.05 -6.61
N PRO D 98 -4.29 17.66 -6.49
CA PRO D 98 -3.62 18.18 -7.65
C PRO D 98 -2.82 17.11 -8.39
N ALA D 99 -2.18 16.19 -7.67
CA ALA D 99 -1.56 15.10 -8.32
C ALA D 99 -1.96 13.75 -7.84
N ILE D 100 -2.10 12.75 -8.69
CA ILE D 100 -2.14 11.39 -8.10
C ILE D 100 -1.23 10.45 -8.94
N ALA D 101 -0.50 9.60 -8.30
CA ALA D 101 0.30 8.61 -8.93
C ALA D 101 -0.42 7.24 -9.02
N ILE D 102 -0.52 6.69 -10.24
CA ILE D 102 -1.24 5.48 -10.52
C ILE D 102 -0.70 4.25 -9.84
N SER D 103 -1.60 3.44 -9.27
CA SER D 103 -1.23 2.26 -8.38
C SER D 103 0.20 2.23 -7.90
N ASN D 118 -0.95 -4.21 -17.39
CA ASN D 118 -0.59 -3.70 -18.73
C ASN D 118 -1.56 -2.63 -18.85
N ASP D 119 -2.81 -2.96 -18.60
CA ASP D 119 -3.84 -1.96 -18.69
C ASP D 119 -3.95 -1.29 -17.29
N ILE D 120 -3.06 -1.68 -16.36
CA ILE D 120 -2.99 -1.04 -15.05
C ILE D 120 -2.87 0.51 -15.07
N PHE D 121 -2.09 1.18 -15.91
CA PHE D 121 -2.15 2.58 -15.87
C PHE D 121 -3.33 3.05 -16.61
N SER D 122 -3.78 2.39 -17.68
CA SER D 122 -4.76 2.98 -18.63
C SER D 122 -6.09 2.93 -17.99
N ARG D 123 -6.37 1.85 -17.29
CA ARG D 123 -7.77 1.66 -16.74
C ARG D 123 -8.06 2.84 -15.80
N TYR D 124 -7.03 3.12 -14.99
CA TYR D 124 -6.95 4.22 -14.07
C TYR D 124 -7.22 5.48 -14.80
N VAL D 125 -6.49 5.80 -15.83
CA VAL D 125 -6.83 6.98 -16.58
C VAL D 125 -8.28 6.96 -17.05
N GLU D 126 -8.81 5.80 -17.50
CA GLU D 126 -10.22 5.86 -17.97
C GLU D 126 -11.12 6.14 -16.78
N ALA D 127 -10.77 5.57 -15.63
CA ALA D 127 -11.59 5.66 -14.44
C ALA D 127 -11.66 7.07 -13.83
N VAL D 128 -10.55 7.84 -13.88
CA VAL D 128 -10.58 9.20 -13.32
C VAL D 128 -10.29 10.39 -14.16
N GLY D 129 -9.61 10.17 -15.27
CA GLY D 129 -9.14 11.25 -16.17
C GLY D 129 -10.23 12.17 -16.66
N ARG D 130 -9.96 13.50 -16.60
CA ARG D 130 -10.98 14.45 -17.06
C ARG D 130 -10.29 15.29 -18.03
N GLU D 131 -11.07 15.86 -18.95
CA GLU D 131 -10.49 16.64 -20.01
C GLU D 131 -9.89 17.77 -19.25
N GLY D 132 -8.67 18.15 -19.67
CA GLY D 132 -7.94 19.23 -19.03
C GLY D 132 -6.99 18.76 -17.99
N ASP D 133 -7.06 17.48 -17.62
CA ASP D 133 -6.07 16.95 -16.68
C ASP D 133 -4.85 16.60 -17.44
N VAL D 134 -3.75 16.23 -16.80
CA VAL D 134 -2.49 15.87 -17.54
C VAL D 134 -2.04 14.44 -17.19
N LEU D 135 -1.30 13.78 -18.11
CA LEU D 135 -0.71 12.46 -17.79
C LEU D 135 0.78 12.73 -17.89
N LEU D 136 1.57 12.28 -16.93
CA LEU D 136 2.97 12.47 -16.96
C LEU D 136 3.39 11.00 -16.97
N GLY D 137 3.80 10.48 -18.16
CA GLY D 137 4.21 9.09 -18.26
C GLY D 137 5.68 9.00 -18.25
N ILE D 138 6.28 8.14 -17.45
CA ILE D 138 7.71 8.04 -17.44
C ILE D 138 8.21 6.62 -17.91
N SER D 139 9.20 6.57 -18.82
CA SER D 139 9.75 5.34 -19.32
C SER D 139 11.20 5.56 -19.85
N THR D 140 12.16 5.04 -19.09
CA THR D 140 13.47 5.34 -19.38
C THR D 140 13.73 4.76 -20.73
N SER D 141 13.00 3.75 -21.18
CA SER D 141 13.22 3.27 -22.56
C SER D 141 12.34 3.92 -23.60
N GLY D 142 11.10 4.20 -23.33
CA GLY D 142 10.19 4.86 -24.31
C GLY D 142 9.28 3.72 -24.74
N ASN D 143 9.63 2.54 -24.30
CA ASN D 143 8.81 1.44 -24.78
C ASN D 143 7.86 0.60 -23.84
N SER D 144 7.55 1.12 -22.69
CA SER D 144 6.65 0.51 -21.74
C SER D 144 5.25 0.41 -22.36
N ALA D 145 4.73 -0.84 -22.29
CA ALA D 145 3.37 -1.07 -22.83
C ALA D 145 2.32 -0.28 -22.05
N ASN D 146 2.38 -0.42 -20.70
CA ASN D 146 1.49 0.36 -19.80
C ASN D 146 1.51 1.88 -20.02
N VAL D 147 2.68 2.53 -19.96
CA VAL D 147 2.61 3.97 -20.37
C VAL D 147 1.99 4.22 -21.76
N ILE D 148 2.37 3.38 -22.73
CA ILE D 148 1.86 3.52 -24.13
C ILE D 148 0.36 3.47 -24.11
N LYS D 149 -0.20 2.46 -23.42
CA LYS D 149 -1.68 2.43 -23.34
C LYS D 149 -2.29 3.59 -22.53
N ALA D 150 -1.62 3.92 -21.40
CA ALA D 150 -1.98 5.15 -20.56
C ALA D 150 -2.13 6.38 -21.45
N ILE D 151 -1.17 6.54 -22.40
CA ILE D 151 -1.17 7.69 -23.22
C ILE D 151 -2.28 7.67 -24.12
N ALA D 152 -2.67 6.45 -24.52
CA ALA D 152 -3.81 6.48 -25.44
C ALA D 152 -5.10 6.70 -24.72
N ALA D 153 -5.19 6.19 -23.48
CA ALA D 153 -6.39 6.56 -22.73
C ALA D 153 -6.39 8.08 -22.51
N ALA D 154 -5.19 8.61 -22.18
CA ALA D 154 -4.96 10.00 -21.99
C ALA D 154 -5.58 10.76 -23.16
N ARG D 155 -5.28 10.33 -24.37
CA ARG D 155 -5.78 11.01 -25.53
C ARG D 155 -7.29 10.91 -25.63
N GLU D 156 -7.87 9.77 -25.27
CA GLU D 156 -9.30 9.54 -25.42
C GLU D 156 -10.05 10.42 -24.41
N LYS D 157 -9.41 10.74 -23.28
CA LYS D 157 -10.03 11.60 -22.31
C LYS D 157 -9.79 13.08 -22.50
N GLY D 158 -9.10 13.45 -23.55
CA GLY D 158 -8.93 14.85 -23.80
C GLY D 158 -7.83 15.41 -22.92
N MET D 159 -6.91 14.53 -22.53
CA MET D 159 -5.84 14.92 -21.56
C MET D 159 -4.47 15.32 -22.19
N LYS D 160 -3.77 16.34 -21.72
CA LYS D 160 -2.46 16.63 -22.29
C LYS D 160 -1.45 15.63 -21.81
N VAL D 161 -0.41 15.35 -22.56
CA VAL D 161 0.49 14.29 -22.09
C VAL D 161 1.94 14.71 -22.13
N ILE D 162 2.67 14.48 -21.03
CA ILE D 162 4.03 14.91 -20.90
C ILE D 162 4.81 13.61 -20.56
N THR D 163 5.94 13.43 -21.25
CA THR D 163 6.78 12.30 -20.97
C THR D 163 8.24 12.60 -20.55
N LEU D 164 8.80 11.65 -19.79
CA LEU D 164 10.14 11.71 -19.41
C LEU D 164 10.67 10.38 -19.85
N THR D 165 11.41 10.47 -20.98
CA THR D 165 12.00 9.31 -21.71
C THR D 165 13.49 9.48 -21.71
N GLY D 166 14.14 8.48 -22.30
CA GLY D 166 15.63 8.41 -22.43
C GLY D 166 15.94 7.72 -23.73
N LYS D 167 17.22 7.50 -24.11
CA LYS D 167 17.55 6.91 -25.51
C LYS D 167 16.91 7.70 -26.67
N ASP D 168 16.57 7.02 -27.77
CA ASP D 168 15.83 7.67 -28.91
C ASP D 168 14.35 7.98 -28.60
N GLY D 169 13.87 7.56 -27.47
CA GLY D 169 12.46 7.85 -27.26
C GLY D 169 11.46 6.72 -27.53
N GLY D 170 11.98 5.53 -27.90
CA GLY D 170 11.20 4.33 -28.20
C GLY D 170 9.87 4.53 -28.95
N LYS D 171 8.95 3.54 -28.75
CA LYS D 171 7.69 3.58 -29.48
C LYS D 171 6.89 4.77 -29.07
N MET D 172 7.44 5.50 -28.13
CA MET D 172 6.71 6.63 -27.50
C MET D 172 6.97 7.90 -28.24
N ALA D 173 8.15 7.92 -28.87
CA ALA D 173 8.57 9.04 -29.73
C ALA D 173 7.37 9.70 -30.42
N GLY D 174 7.05 10.93 -30.04
CA GLY D 174 6.13 11.65 -30.90
C GLY D 174 4.71 11.74 -30.37
N THR D 175 4.41 10.88 -29.37
CA THR D 175 3.01 10.81 -28.88
C THR D 175 2.59 11.78 -27.77
N ALA D 176 3.57 12.14 -26.97
CA ALA D 176 3.39 13.20 -25.93
C ALA D 176 3.20 14.54 -26.56
N ASP D 177 2.47 15.43 -25.91
CA ASP D 177 2.59 16.87 -26.15
C ASP D 177 3.94 17.58 -25.70
N ILE D 178 4.72 16.96 -24.77
CA ILE D 178 5.98 17.53 -24.44
C ILE D 178 6.82 16.41 -23.92
N GLU D 179 7.87 16.11 -24.68
CA GLU D 179 8.83 15.04 -24.29
C GLU D 179 10.15 15.62 -23.75
N ILE D 180 10.65 15.07 -22.66
CA ILE D 180 11.88 15.54 -22.08
C ILE D 180 12.69 14.27 -22.24
N ARG D 181 13.51 14.30 -23.27
CA ARG D 181 14.32 13.08 -23.56
C ARG D 181 15.71 13.14 -22.99
N VAL D 182 16.22 12.02 -22.55
CA VAL D 182 17.48 12.13 -21.91
C VAL D 182 18.28 11.38 -22.87
N PRO D 183 19.26 12.05 -23.51
CA PRO D 183 20.07 11.45 -24.67
C PRO D 183 21.14 10.48 -24.06
N HIS D 184 20.65 9.31 -23.56
CA HIS D 184 21.53 8.22 -23.05
C HIS D 184 21.01 6.98 -23.70
N PHE D 185 21.87 5.95 -23.87
CA PHE D 185 21.50 4.84 -24.74
C PHE D 185 21.79 3.53 -24.11
N GLY D 186 22.31 3.55 -22.91
CA GLY D 186 22.59 2.27 -22.20
C GLY D 186 21.52 1.89 -21.17
N TYR D 187 21.96 1.44 -19.97
CA TYR D 187 21.05 0.89 -18.91
C TYR D 187 20.36 2.01 -18.23
N ALA D 188 19.03 1.94 -18.02
CA ALA D 188 18.24 3.01 -17.32
C ALA D 188 18.84 3.86 -16.21
N ASP D 189 19.66 3.26 -15.30
CA ASP D 189 20.31 4.05 -14.25
C ASP D 189 20.57 5.55 -14.63
N ARG D 190 21.42 5.84 -15.60
CA ARG D 190 21.70 7.25 -15.96
C ARG D 190 20.47 8.12 -16.37
N ILE D 191 19.36 7.49 -16.78
CA ILE D 191 18.29 8.28 -17.28
C ILE D 191 17.47 8.65 -16.06
N GLN D 192 17.43 7.70 -15.11
CA GLN D 192 16.48 7.90 -14.02
C GLN D 192 16.98 9.05 -13.24
N GLU D 193 18.30 8.99 -13.04
CA GLU D 193 19.07 10.01 -12.41
C GLU D 193 18.79 11.37 -13.05
N ILE D 194 18.54 11.48 -14.32
CA ILE D 194 18.26 12.83 -14.74
C ILE D 194 16.85 13.21 -14.41
N HIS D 195 16.03 12.20 -14.59
CA HIS D 195 14.59 12.30 -14.63
C HIS D 195 14.11 12.88 -13.26
N ILE D 196 14.68 12.32 -12.19
CA ILE D 196 14.48 12.87 -10.87
C ILE D 196 14.92 14.36 -10.62
N LYS D 197 16.14 14.77 -11.09
CA LYS D 197 16.49 16.18 -11.14
C LYS D 197 15.37 16.97 -11.81
N VAL D 198 14.95 16.46 -12.93
CA VAL D 198 13.95 17.18 -13.71
C VAL D 198 12.71 17.36 -12.89
N ILE D 199 12.39 16.35 -12.03
CA ILE D 199 11.08 16.35 -11.37
C ILE D 199 11.21 17.40 -10.34
N HIS D 200 12.34 17.33 -9.60
CA HIS D 200 12.74 18.45 -8.63
C HIS D 200 12.59 19.90 -9.18
N ILE D 201 13.15 20.11 -10.39
CA ILE D 201 13.14 21.38 -11.08
C ILE D 201 11.74 21.75 -11.47
N LEU D 202 10.98 20.77 -11.94
CA LEU D 202 9.57 21.02 -12.31
C LEU D 202 8.77 21.50 -11.05
N ILE D 203 9.07 20.90 -9.89
CA ILE D 203 8.32 21.34 -8.74
C ILE D 203 8.59 22.83 -8.49
N GLN D 204 9.86 23.30 -8.53
CA GLN D 204 10.23 24.77 -8.31
C GLN D 204 9.52 25.64 -9.33
N LEU D 205 9.55 25.23 -10.59
CA LEU D 205 8.97 26.10 -11.57
C LEU D 205 7.51 26.20 -11.33
N ILE D 206 6.86 25.03 -11.22
CA ILE D 206 5.41 24.95 -10.87
C ILE D 206 5.11 25.98 -9.69
N GLU D 207 6.00 25.99 -8.64
CA GLU D 207 5.95 26.90 -7.43
C GLU D 207 5.81 28.36 -7.87
N LYS D 208 6.85 28.75 -8.59
CA LYS D 208 6.90 30.13 -9.03
C LYS D 208 5.71 30.44 -9.88
N GLU D 209 5.05 29.45 -10.45
CA GLU D 209 4.10 29.70 -11.49
C GLU D 209 2.76 29.82 -10.82
N MET D 210 2.68 29.13 -9.70
CA MET D 210 1.45 29.12 -8.98
C MET D 210 1.30 30.46 -8.28
N VAL D 211 2.38 30.96 -7.70
CA VAL D 211 2.33 32.14 -6.87
C VAL D 211 2.81 33.33 -7.70
N LYS D 212 2.20 33.55 -8.87
CA LYS D 212 2.39 34.78 -9.67
C LYS D 212 0.96 35.26 -10.11
O8 I22 E . -12.01 -18.86 -0.33
P1 I22 E . -11.12 -17.53 -0.12
O9 I22 E . -9.72 -17.88 0.46
O10 I22 E . -11.02 -16.68 -1.51
O7 I22 E . -12.12 -16.43 1.04
C7 I22 E . -13.05 -15.37 0.41
C6 I22 E . -13.93 -15.04 1.68
O6 I22 E . -12.91 -15.06 2.77
C5 I22 E . -14.76 -13.78 1.50
O5 I22 E . -13.56 -12.82 1.45
C4 I22 E . -15.21 -13.87 -0.02
O4 I22 E . -15.99 -15.09 0.12
C3 I22 E . -16.14 -12.68 -0.23
O3 I22 E . -16.63 -12.94 -1.62
C2 I22 E . -15.35 -11.38 0.07
O2 I22 E . -15.19 -10.58 -0.84
C1 I22 E . -14.99 -10.95 1.47
O1 I22 E . -15.48 -11.97 2.56
#